data_6G26
#
_entry.id   6G26
#
_cell.length_a   85.140
_cell.length_b   74.190
_cell.length_c   85.310
_cell.angle_alpha   90.00
_cell.angle_beta   90.05
_cell.angle_gamma   90.00
#
_symmetry.space_group_name_H-M   'P 1 21 1'
#
loop_
_entity.id
_entity.type
_entity.pdbx_description
1 polymer HicB
2 polymer HicA
3 non-polymer 'SULFATE ION'
4 non-polymer 1,2-ETHANEDIOL
5 non-polymer 'TRIETHYLENE GLYCOL'
6 water water
#
loop_
_entity_poly.entity_id
_entity_poly.type
_entity_poly.pdbx_seq_one_letter_code
_entity_poly.pdbx_strand_id
1 'polypeptide(L)'
;MMEFPIAVHKDDGSVYGVTVPDIPGVHSWGETIDDAIKNTREAIVGHVETLIELGEDVEFTCSTVEELVAKPEYAGAVWA
LVSVDLSQLDSKPERINVSIPRFVLHKIDAYVASRHETRSGFLARAALEALNEGKKHHHHHH
;
A,B,C,D
2 'polypeptide(L)' GIDPFTNSSKLIRMLEEDGWRLVRVTGSAHHFKHPKKPGLVTVPHPKKDLPIGTVKSIQKSAGL E,F,G,H
#
# COMPACT_ATOMS: atom_id res chain seq x y z
N MET A 1 -0.29 4.76 14.86
CA MET A 1 0.59 4.87 16.04
C MET A 1 -0.15 5.52 17.21
N MET A 2 -1.28 6.16 16.91
CA MET A 2 -2.04 6.87 17.90
C MET A 2 -3.45 6.30 18.01
N GLU A 3 -3.77 5.31 17.17
CA GLU A 3 -5.11 4.75 17.06
C GLU A 3 -5.04 3.28 17.40
N PHE A 4 -5.78 2.82 18.40
CA PHE A 4 -5.71 1.43 18.85
C PHE A 4 -7.06 0.76 18.78
N PRO A 5 -7.13 -0.38 18.08
CA PRO A 5 -8.33 -1.22 18.10
C PRO A 5 -8.59 -1.75 19.50
N ILE A 6 -9.86 -1.72 19.91
CA ILE A 6 -10.25 -2.33 21.16
C ILE A 6 -11.29 -3.41 20.93
N ALA A 7 -11.14 -4.51 21.64
CA ALA A 7 -12.02 -5.67 21.53
C ALA A 7 -12.99 -5.66 22.69
N VAL A 8 -14.28 -5.58 22.35
CA VAL A 8 -15.37 -5.51 23.33
C VAL A 8 -16.11 -6.85 23.43
N HIS A 9 -16.01 -7.47 24.59
CA HIS A 9 -16.77 -8.67 24.96
C HIS A 9 -17.97 -8.32 25.83
N LYS A 10 -18.98 -9.19 25.85
CA LYS A 10 -20.23 -9.03 26.60
C LYS A 10 -20.93 -10.38 26.78
N ASP A 11 -21.11 -10.80 28.04
CA ASP A 11 -21.87 -12.02 28.37
C ASP A 11 -23.26 -11.64 28.85
N ASP A 12 -24.15 -12.64 28.91
CA ASP A 12 -25.54 -12.50 29.35
CA ASP A 12 -25.54 -12.49 29.34
C ASP A 12 -25.66 -11.66 30.62
N GLY A 13 -25.05 -12.09 31.71
CA GLY A 13 -25.13 -11.25 32.94
C GLY A 13 -23.93 -10.38 33.28
N SER A 14 -23.16 -9.92 32.30
CA SER A 14 -21.91 -9.20 32.55
C SER A 14 -21.98 -7.77 32.07
N VAL A 15 -20.99 -6.97 32.45
CA VAL A 15 -20.82 -5.63 31.87
C VAL A 15 -20.11 -5.81 30.52
N TYR A 16 -19.99 -4.75 29.74
CA TYR A 16 -19.07 -4.79 28.60
C TYR A 16 -17.63 -4.76 29.13
N GLY A 17 -16.80 -5.67 28.64
CA GLY A 17 -15.38 -5.74 28.98
C GLY A 17 -14.52 -5.46 27.77
N VAL A 18 -13.37 -4.80 27.98
CA VAL A 18 -12.55 -4.33 26.88
C VAL A 18 -11.11 -4.85 27.00
N THR A 19 -10.54 -5.27 25.86
CA THR A 19 -9.12 -5.60 25.75
C THR A 19 -8.49 -4.66 24.70
N VAL A 20 -7.27 -4.18 24.96
CA VAL A 20 -6.51 -3.39 23.99
C VAL A 20 -5.31 -4.24 23.53
N PRO A 21 -5.44 -5.05 22.44
CA PRO A 21 -4.40 -6.03 22.17
C PRO A 21 -3.00 -5.43 21.88
N ASP A 22 -2.94 -4.21 21.35
CA ASP A 22 -1.68 -3.57 21.01
C ASP A 22 -0.83 -3.07 22.17
N ILE A 23 -1.45 -2.80 23.31
CA ILE A 23 -0.73 -2.41 24.51
C ILE A 23 -0.93 -3.54 25.51
N PRO A 24 0.01 -4.48 25.60
CA PRO A 24 -0.19 -5.66 26.46
C PRO A 24 -0.52 -5.34 27.92
N GLY A 25 -1.56 -5.98 28.41
CA GLY A 25 -2.01 -5.83 29.79
C GLY A 25 -3.16 -4.88 30.01
N VAL A 26 -3.49 -4.04 29.02
CA VAL A 26 -4.54 -3.05 29.20
C VAL A 26 -5.93 -3.67 29.03
N HIS A 27 -6.77 -3.47 30.04
CA HIS A 27 -8.16 -3.91 30.02
C HIS A 27 -9.10 -2.86 30.64
N SER A 28 -10.38 -2.87 30.25
CA SER A 28 -11.33 -1.90 30.79
C SER A 28 -12.75 -2.46 30.76
N TRP A 29 -13.74 -1.61 30.91
CA TRP A 29 -15.12 -2.07 31.08
C TRP A 29 -16.07 -0.88 30.89
N GLY A 30 -17.36 -1.18 30.84
CA GLY A 30 -18.41 -0.18 30.82
C GLY A 30 -19.75 -0.82 31.00
N GLU A 31 -20.71 -0.05 31.54
CA GLU A 31 -22.11 -0.47 31.66
C GLU A 31 -22.73 -0.47 30.28
N THR A 32 -22.33 0.50 29.47
CA THR A 32 -22.74 0.67 28.09
C THR A 32 -21.49 0.72 27.22
N ILE A 33 -21.68 0.56 25.92
CA ILE A 33 -20.60 0.65 24.95
C ILE A 33 -19.93 2.04 24.98
N ASP A 34 -20.74 3.10 25.07
CA ASP A 34 -20.19 4.45 25.13
CA ASP A 34 -20.19 4.46 25.14
C ASP A 34 -19.32 4.65 26.38
N ASP A 35 -19.74 4.06 27.50
CA ASP A 35 -18.94 4.09 28.73
C ASP A 35 -17.66 3.28 28.60
N ALA A 36 -17.77 2.10 28.00
CA ALA A 36 -16.63 1.24 27.79
C ALA A 36 -15.55 1.90 26.94
N ILE A 37 -15.94 2.58 25.86
CA ILE A 37 -14.99 3.30 25.02
C ILE A 37 -14.32 4.47 25.81
N LYS A 38 -15.11 5.19 26.57
CA LYS A 38 -14.63 6.30 27.36
C LYS A 38 -13.64 5.80 28.43
N ASN A 39 -14.00 4.76 29.16
CA ASN A 39 -13.15 4.13 30.18
C ASN A 39 -11.86 3.55 29.66
N THR A 40 -11.92 2.92 28.48
CA THR A 40 -10.76 2.33 27.84
C THR A 40 -9.65 3.36 27.57
N ARG A 41 -10.02 4.54 27.09
CA ARG A 41 -9.04 5.60 26.85
C ARG A 41 -8.36 6.02 28.16
N GLU A 42 -9.13 6.12 29.24
CA GLU A 42 -8.59 6.49 30.55
C GLU A 42 -7.68 5.38 31.09
N ALA A 43 -8.04 4.12 30.84
CA ALA A 43 -7.23 2.98 31.24
C ALA A 43 -5.91 2.90 30.49
N ILE A 44 -5.92 3.25 29.21
CA ILE A 44 -4.69 3.29 28.42
C ILE A 44 -3.74 4.34 28.99
N VAL A 45 -4.23 5.58 29.11
CA VAL A 45 -3.51 6.71 29.62
C VAL A 45 -2.89 6.38 30.98
N GLY A 46 -3.69 5.86 31.90
CA GLY A 46 -3.22 5.46 33.23
C GLY A 46 -2.17 4.36 33.23
N HIS A 47 -2.36 3.36 32.36
CA HIS A 47 -1.46 2.22 32.26
C HIS A 47 -0.10 2.71 31.78
N VAL A 48 -0.09 3.49 30.72
CA VAL A 48 1.15 3.96 30.12
C VAL A 48 1.83 4.96 31.05
N GLU A 49 1.05 5.85 31.69
CA GLU A 49 1.62 6.75 32.70
C GLU A 49 2.33 5.94 33.80
N THR A 50 1.71 4.86 34.27
CA THR A 50 2.30 3.96 35.29
C THR A 50 3.60 3.33 34.81
N LEU A 51 3.66 2.88 33.55
CA LEU A 51 4.88 2.33 32.97
C LEU A 51 6.01 3.37 33.01
N ILE A 52 5.68 4.60 32.61
CA ILE A 52 6.62 5.68 32.48
C ILE A 52 7.18 5.99 33.89
N GLU A 53 6.29 6.06 34.88
CA GLU A 53 6.60 6.36 36.26
C GLU A 53 7.50 5.33 36.90
N LEU A 54 7.29 4.08 36.55
CA LEU A 54 8.09 2.97 37.03
C LEU A 54 9.35 2.76 36.18
N GLY A 55 9.57 3.60 35.18
CA GLY A 55 10.65 3.45 34.22
C GLY A 55 10.65 2.12 33.47
N GLU A 56 9.47 1.53 33.22
CA GLU A 56 9.36 0.29 32.45
C GLU A 56 9.44 0.66 30.92
N ASP A 57 9.81 -0.31 30.09
CA ASP A 57 9.71 -0.14 28.64
C ASP A 57 8.25 0.06 28.22
N VAL A 58 7.98 1.04 27.37
CA VAL A 58 6.62 1.12 26.82
C VAL A 58 6.64 0.58 25.39
N GLU A 59 6.17 -0.66 25.27
CA GLU A 59 6.14 -1.42 24.02
C GLU A 59 4.71 -1.50 23.57
N PHE A 60 4.51 -1.18 22.29
CA PHE A 60 3.16 -1.23 21.72
C PHE A 60 3.24 -1.39 20.24
N THR A 61 2.32 -2.18 19.72
CA THR A 61 2.21 -2.34 18.26
C THR A 61 1.10 -1.42 17.72
N CYS A 62 0.94 -1.41 16.40
CA CYS A 62 -0.16 -0.67 15.78
C CYS A 62 -0.87 -1.61 14.80
N SER A 63 -2.03 -2.12 15.17
CA SER A 63 -2.73 -3.12 14.37
C SER A 63 -4.00 -2.55 13.76
N THR A 64 -4.51 -3.22 12.74
CA THR A 64 -5.81 -2.83 12.18
C THR A 64 -6.78 -3.85 12.74
N VAL A 65 -8.06 -3.47 12.77
CA VAL A 65 -9.12 -4.42 13.13
C VAL A 65 -8.98 -5.76 12.41
N GLU A 66 -8.73 -5.67 11.09
CA GLU A 66 -8.69 -6.83 10.19
C GLU A 66 -7.66 -7.85 10.63
N GLU A 67 -6.45 -7.40 11.01
CA GLU A 67 -5.43 -8.37 11.41
C GLU A 67 -5.68 -9.01 12.77
N LEU A 68 -6.55 -8.40 13.58
CA LEU A 68 -6.87 -8.92 14.91
C LEU A 68 -8.16 -9.75 14.99
N VAL A 69 -9.13 -9.40 14.15
CA VAL A 69 -10.50 -9.91 14.19
C VAL A 69 -10.66 -11.44 14.19
N ALA A 70 -9.72 -12.15 13.57
CA ALA A 70 -9.83 -13.60 13.43
C ALA A 70 -9.10 -14.38 14.53
N LYS A 71 -8.37 -13.71 15.42
CA LYS A 71 -7.67 -14.42 16.51
C LYS A 71 -8.67 -15.09 17.49
N PRO A 72 -8.40 -16.35 17.93
CA PRO A 72 -9.40 -17.09 18.73
C PRO A 72 -9.81 -16.40 20.07
N GLU A 73 -8.88 -15.68 20.68
CA GLU A 73 -9.14 -14.95 21.92
C GLU A 73 -10.11 -13.77 21.75
N TYR A 74 -10.33 -13.32 20.51
CA TYR A 74 -11.30 -12.26 20.25
C TYR A 74 -12.59 -12.70 19.57
N ALA A 75 -12.83 -14.01 19.55
CA ALA A 75 -14.00 -14.61 18.86
C ALA A 75 -15.30 -14.03 19.43
N GLY A 76 -16.16 -13.52 18.56
CA GLY A 76 -17.40 -12.91 19.02
C GLY A 76 -17.30 -11.49 19.59
N ALA A 77 -16.12 -10.88 19.52
CA ALA A 77 -15.96 -9.52 20.03
C ALA A 77 -16.38 -8.49 19.02
N VAL A 78 -16.74 -7.31 19.50
CA VAL A 78 -16.89 -6.18 18.60
C VAL A 78 -15.79 -5.12 18.80
N TRP A 79 -15.55 -4.32 17.78
CA TRP A 79 -14.38 -3.49 17.72
C TRP A 79 -14.67 -2.02 17.65
N ALA A 80 -13.79 -1.24 18.29
CA ALA A 80 -13.77 0.22 18.15
C ALA A 80 -12.32 0.71 18.10
N LEU A 81 -12.14 2.00 17.88
CA LEU A 81 -10.81 2.57 17.75
C LEU A 81 -10.65 3.72 18.71
N VAL A 82 -9.62 3.64 19.56
CA VAL A 82 -9.33 4.68 20.56
C VAL A 82 -8.10 5.49 20.14
N SER A 83 -8.21 6.82 20.16
CA SER A 83 -7.09 7.70 19.83
C SER A 83 -6.40 8.25 21.09
N VAL A 84 -5.14 7.81 21.32
CA VAL A 84 -4.29 8.28 22.41
C VAL A 84 -2.89 8.57 21.91
N ASP A 85 -2.42 9.80 22.12
CA ASP A 85 -1.03 10.15 21.83
C ASP A 85 -0.14 9.79 23.06
N LEU A 86 0.55 8.65 22.96
CA LEU A 86 1.33 8.12 24.06
C LEU A 86 2.56 8.98 24.36
N SER A 87 3.03 9.73 23.37
CA SER A 87 4.16 10.61 23.51
C SER A 87 3.91 11.81 24.44
N GLN A 88 2.66 12.07 24.81
CA GLN A 88 2.35 13.19 25.71
C GLN A 88 2.22 12.78 27.16
N LEU A 89 2.52 11.51 27.45
CA LEU A 89 2.20 10.99 28.76
C LEU A 89 3.34 11.02 29.78
N ASP A 90 4.53 11.52 29.41
CA ASP A 90 5.67 11.65 30.32
C ASP A 90 5.67 13.04 30.98
N SER A 91 5.46 13.10 32.31
CA SER A 91 5.42 14.39 33.01
C SER A 91 6.83 14.94 33.29
N LYS A 92 7.85 14.07 33.26
CA LYS A 92 9.27 14.43 33.43
C LYS A 92 10.09 14.09 32.16
N PRO A 93 9.82 14.78 31.04
CA PRO A 93 10.62 14.42 29.86
C PRO A 93 12.08 14.87 30.02
N GLU A 94 12.99 14.37 29.21
CA GLU A 94 14.36 14.81 29.27
C GLU A 94 14.67 15.92 28.29
N ARG A 95 15.33 16.98 28.76
CA ARG A 95 15.75 18.07 27.89
C ARG A 95 17.07 17.72 27.25
N ILE A 96 17.10 17.80 25.92
CA ILE A 96 18.30 17.50 25.15
C ILE A 96 18.58 18.60 24.14
N ASN A 97 19.85 18.61 23.73
CA ASN A 97 20.32 19.46 22.69
C ASN A 97 20.57 18.68 21.40
N VAL A 98 20.02 19.18 20.30
CA VAL A 98 20.16 18.54 18.98
C VAL A 98 20.43 19.58 17.92
N SER A 99 21.16 19.17 16.88
CA SER A 99 21.45 20.00 15.70
C SER A 99 20.44 19.65 14.61
N ILE A 100 19.59 20.60 14.27
CA ILE A 100 18.59 20.46 13.21
C ILE A 100 18.99 21.40 12.07
N PRO A 101 19.11 20.88 10.81
CA PRO A 101 19.33 21.78 9.67
C PRO A 101 18.27 22.87 9.62
N ARG A 102 18.68 24.09 9.28
CA ARG A 102 17.82 25.28 9.25
C ARG A 102 16.55 25.09 8.38
N PHE A 103 16.71 24.50 7.18
CA PHE A 103 15.58 24.23 6.32
C PHE A 103 14.56 23.26 6.94
N VAL A 104 15.04 22.28 7.71
CA VAL A 104 14.17 21.32 8.41
C VAL A 104 13.43 22.05 9.52
N LEU A 105 14.15 22.85 10.29
CA LEU A 105 13.57 23.60 11.39
C LEU A 105 12.48 24.60 10.93
N HIS A 106 12.73 25.28 9.80
CA HIS A 106 11.72 26.16 9.22
C HIS A 106 10.42 25.38 8.84
N LYS A 107 10.58 24.16 8.33
CA LYS A 107 9.43 23.35 7.95
C LYS A 107 8.65 22.91 9.16
N ILE A 108 9.39 22.50 10.21
CA ILE A 108 8.77 22.11 11.49
C ILE A 108 7.96 23.25 12.07
N ASP A 109 8.60 24.40 12.21
CA ASP A 109 7.95 25.59 12.80
C ASP A 109 6.68 26.06 12.09
N ALA A 110 6.68 25.96 10.75
CA ALA A 110 5.54 26.31 9.91
C ALA A 110 4.38 25.32 10.08
N TYR A 111 4.73 24.03 10.17
CA TYR A 111 3.77 22.97 10.31
C TYR A 111 3.09 22.99 11.69
N VAL A 112 3.87 23.16 12.75
CA VAL A 112 3.29 23.15 14.11
C VAL A 112 2.50 24.42 14.49
N ALA A 113 2.78 25.54 13.81
CA ALA A 113 2.12 26.83 14.09
C ALA A 113 0.61 26.80 13.88
N SER A 114 0.17 26.14 12.81
CA SER A 114 -1.25 25.98 12.48
CA SER A 114 -1.26 26.00 12.48
C SER A 114 -1.94 24.95 13.37
N ARG A 115 -1.20 23.91 13.78
CA ARG A 115 -1.75 22.82 14.57
CA ARG A 115 -1.75 22.81 14.57
C ARG A 115 -1.62 23.01 16.08
N HIS A 116 -1.04 24.15 16.50
CA HIS A 116 -0.73 24.48 17.91
C HIS A 116 0.05 23.36 18.62
N GLU A 117 0.96 22.70 17.92
CA GLU A 117 1.87 21.72 18.49
C GLU A 117 3.20 22.42 18.82
N THR A 118 4.09 21.71 19.48
CA THR A 118 5.38 22.21 19.86
C THR A 118 6.40 21.41 19.07
N ARG A 119 7.61 21.95 18.95
CA ARG A 119 8.70 21.24 18.31
C ARG A 119 8.94 19.87 18.92
N SER A 120 8.94 19.83 20.24
CA SER A 120 9.23 18.63 21.02
C SER A 120 8.17 17.54 20.79
N GLY A 121 6.91 17.96 20.75
CA GLY A 121 5.76 17.07 20.53
C GLY A 121 5.85 16.53 19.11
N PHE A 122 6.14 17.40 18.14
CA PHE A 122 6.28 17.00 16.74
C PHE A 122 7.37 15.95 16.59
N LEU A 123 8.53 16.21 17.20
CA LEU A 123 9.68 15.36 17.05
C LEU A 123 9.48 13.99 17.75
N ALA A 124 8.82 13.98 18.88
CA ALA A 124 8.59 12.74 19.58
C ALA A 124 7.65 11.83 18.77
N ARG A 125 6.61 12.43 18.18
CA ARG A 125 5.65 11.72 17.34
C ARG A 125 6.31 11.17 16.09
N ALA A 126 7.14 12.02 15.48
CA ALA A 126 7.87 11.67 14.28
C ALA A 126 8.90 10.56 14.53
N ALA A 127 9.47 10.56 15.73
CA ALA A 127 10.45 9.58 16.13
C ALA A 127 9.75 8.24 16.27
N LEU A 128 8.58 8.21 16.89
CA LEU A 128 7.84 6.97 17.07
C LEU A 128 7.38 6.38 15.73
N GLU A 129 6.97 7.25 14.79
CA GLU A 129 6.58 6.83 13.46
CA GLU A 129 6.56 6.84 13.45
C GLU A 129 7.73 6.14 12.76
N ALA A 130 8.90 6.74 12.85
CA ALA A 130 10.08 6.27 12.18
C ALA A 130 10.61 4.97 12.77
N LEU A 131 10.45 4.76 14.07
CA LEU A 131 10.86 3.54 14.77
C LEU A 131 9.92 2.37 14.45
N ASN A 132 8.63 2.67 14.25
CA ASN A 132 7.64 1.69 13.83
C ASN A 132 7.87 1.19 12.39
N GLU A 133 8.30 2.12 11.53
CA GLU A 133 8.73 1.86 10.13
C GLU A 133 10.05 1.09 10.05
N GLY A 134 10.96 1.38 10.97
CA GLY A 134 12.27 0.72 11.13
C GLY A 134 12.17 -0.70 11.64
N LYS A 135 11.02 -1.07 12.30
CA LYS A 135 10.69 -2.42 12.68
C LYS A 135 10.18 -3.37 11.54
N LYS A 136 9.43 -2.88 10.56
CA LYS A 136 9.11 -3.66 9.34
C LYS A 136 9.99 -3.27 8.13
N HIS A 137 9.81 -2.05 7.58
CA HIS A 137 10.54 -1.53 6.38
C HIS A 137 11.94 -1.03 6.73
N MET B 1 1.14 -6.84 -14.05
CA MET B 1 1.04 -8.16 -14.71
C MET B 1 1.31 -8.06 -16.20
N MET B 2 1.20 -6.84 -16.71
CA MET B 2 1.36 -6.57 -18.12
C MET B 2 2.48 -5.59 -18.39
N GLU B 3 3.12 -5.12 -17.31
CA GLU B 3 4.17 -4.11 -17.36
C GLU B 3 5.45 -4.69 -16.81
N PHE B 4 6.53 -4.71 -17.59
CA PHE B 4 7.77 -5.34 -17.18
C PHE B 4 8.91 -4.34 -17.22
N PRO B 5 9.63 -4.19 -16.09
CA PRO B 5 10.87 -3.43 -16.07
C PRO B 5 11.92 -4.08 -16.96
N ILE B 6 12.63 -3.26 -17.74
CA ILE B 6 13.74 -3.74 -18.51
C ILE B 6 15.03 -3.03 -18.11
N ALA B 7 16.10 -3.80 -18.01
CA ALA B 7 17.40 -3.31 -17.63
C ALA B 7 18.27 -3.14 -18.86
N VAL B 8 18.69 -1.88 -19.09
CA VAL B 8 19.49 -1.51 -20.25
C VAL B 8 20.96 -1.29 -19.86
N HIS B 9 21.82 -2.14 -20.40
CA HIS B 9 23.28 -2.02 -20.30
C HIS B 9 23.87 -1.43 -21.58
N LYS B 10 25.06 -0.83 -21.46
CA LYS B 10 25.78 -0.13 -22.53
C LYS B 10 27.24 0.01 -22.19
N ASP B 11 28.12 -0.61 -22.99
CA ASP B 11 29.58 -0.47 -22.84
C ASP B 11 30.09 0.49 -23.92
N ASP B 12 31.34 0.94 -23.76
CA ASP B 12 32.01 1.89 -24.66
CA ASP B 12 31.98 1.90 -24.65
C ASP B 12 31.83 1.49 -26.13
N GLY B 13 32.29 0.30 -26.51
CA GLY B 13 32.10 -0.10 -27.91
C GLY B 13 30.96 -1.10 -28.21
N SER B 14 29.88 -1.07 -27.44
CA SER B 14 28.79 -2.02 -27.59
C SER B 14 27.51 -1.34 -28.01
N VAL B 15 26.51 -2.13 -28.41
CA VAL B 15 25.16 -1.60 -28.63
C VAL B 15 24.47 -1.53 -27.27
N TYR B 16 23.27 -0.96 -27.19
CA TYR B 16 22.48 -1.12 -25.97
C TYR B 16 21.97 -2.57 -25.91
N GLY B 17 22.15 -3.21 -24.76
CA GLY B 17 21.65 -4.55 -24.50
C GLY B 17 20.59 -4.54 -23.41
N VAL B 18 19.59 -5.40 -23.54
CA VAL B 18 18.43 -5.39 -22.66
C VAL B 18 18.23 -6.74 -21.97
N THR B 19 17.90 -6.72 -20.68
CA THR B 19 17.47 -7.88 -19.90
C THR B 19 16.05 -7.61 -19.40
N VAL B 20 15.18 -8.65 -19.44
CA VAL B 20 13.85 -8.57 -18.84
C VAL B 20 13.83 -9.51 -17.61
N PRO B 21 14.16 -9.00 -16.40
CA PRO B 21 14.37 -9.94 -15.28
C PRO B 21 13.15 -10.78 -14.89
N ASP B 22 11.95 -10.26 -15.11
CA ASP B 22 10.71 -10.97 -14.75
C ASP B 22 10.34 -12.17 -15.63
N ILE B 23 10.81 -12.21 -16.85
CA ILE B 23 10.57 -13.33 -17.75
C ILE B 23 11.93 -13.97 -18.00
N PRO B 24 12.27 -15.04 -17.25
CA PRO B 24 13.63 -15.60 -17.37
C PRO B 24 14.04 -16.01 -18.79
N GLY B 25 15.21 -15.55 -19.19
CA GLY B 25 15.78 -15.87 -20.48
C GLY B 25 15.62 -14.83 -21.56
N VAL B 26 14.73 -13.87 -21.35
CA VAL B 26 14.48 -12.83 -22.35
C VAL B 26 15.56 -11.76 -22.35
N HIS B 27 16.16 -11.54 -23.53
CA HIS B 27 17.16 -10.51 -23.76
C HIS B 27 16.95 -9.82 -25.11
N SER B 28 17.44 -8.61 -25.27
CA SER B 28 17.29 -7.88 -26.54
C SER B 28 18.40 -6.85 -26.72
N TRP B 29 18.22 -5.92 -27.65
CA TRP B 29 19.30 -5.00 -27.99
C TRP B 29 18.72 -3.84 -28.81
N GLY B 30 19.55 -2.83 -29.05
CA GLY B 30 19.20 -1.74 -29.94
C GLY B 30 20.43 -0.88 -30.18
N GLU B 31 20.44 -0.20 -31.33
CA GLU B 31 21.50 0.77 -31.67
C GLU B 31 21.27 2.01 -30.83
N THR B 32 20.00 2.34 -30.60
CA THR B 32 19.56 3.42 -29.75
C THR B 32 18.63 2.86 -28.67
N ILE B 33 18.39 3.67 -27.64
CA ILE B 33 17.48 3.32 -26.58
C ILE B 33 16.04 3.09 -27.10
N ASP B 34 15.60 3.94 -28.02
CA ASP B 34 14.26 3.81 -28.60
CA ASP B 34 14.26 3.79 -28.60
C ASP B 34 14.14 2.50 -29.38
N ASP B 35 15.21 2.10 -30.07
CA ASP B 35 15.25 0.82 -30.78
C ASP B 35 15.25 -0.34 -29.81
N ALA B 36 16.04 -0.23 -28.75
CA ALA B 36 16.15 -1.25 -27.75
C ALA B 36 14.80 -1.54 -27.07
N ILE B 37 14.05 -0.49 -26.73
CA ILE B 37 12.74 -0.65 -26.12
C ILE B 37 11.76 -1.34 -27.11
N LYS B 38 11.79 -0.91 -28.37
CA LYS B 38 10.92 -1.47 -29.38
C LYS B 38 11.26 -2.97 -29.62
N ASN B 39 12.54 -3.28 -29.77
CA ASN B 39 13.01 -4.67 -29.94
C ASN B 39 12.70 -5.60 -28.77
N THR B 40 12.82 -5.08 -27.55
CA THR B 40 12.54 -5.82 -26.33
C THR B 40 11.08 -6.34 -26.29
N ARG B 41 10.13 -5.50 -26.66
CA ARG B 41 8.73 -5.94 -26.72
C ARG B 41 8.54 -7.08 -27.73
N GLU B 42 9.21 -6.99 -28.87
CA GLU B 42 9.13 -8.04 -29.90
C GLU B 42 9.79 -9.33 -29.41
N ALA B 43 10.89 -9.20 -28.68
CA ALA B 43 11.59 -10.34 -28.11
C ALA B 43 10.77 -11.05 -27.02
N ILE B 44 10.03 -10.29 -26.22
CA ILE B 44 9.15 -10.88 -25.23
C ILE B 44 8.05 -11.71 -25.91
N VAL B 45 7.32 -11.09 -26.83
CA VAL B 45 6.25 -11.69 -27.60
C VAL B 45 6.73 -12.99 -28.25
N GLY B 46 7.86 -12.92 -28.96
CA GLY B 46 8.46 -14.09 -29.60
C GLY B 46 8.87 -15.20 -28.64
N HIS B 47 9.44 -14.81 -27.49
CA HIS B 47 9.91 -15.76 -26.50
C HIS B 47 8.72 -16.55 -25.93
N VAL B 48 7.69 -15.83 -25.55
CA VAL B 48 6.52 -16.43 -24.94
C VAL B 48 5.75 -17.26 -25.99
N GLU B 49 5.64 -16.76 -27.22
CA GLU B 49 5.02 -17.54 -28.29
C GLU B 49 5.75 -18.89 -28.48
N THR B 50 7.10 -18.86 -28.44
CA THR B 50 7.92 -20.06 -28.52
C THR B 50 7.63 -21.05 -27.38
N LEU B 51 7.50 -20.54 -26.16
CA LEU B 51 7.18 -21.36 -25.00
C LEU B 51 5.83 -22.08 -25.19
N ILE B 52 4.84 -21.31 -25.68
CA ILE B 52 3.50 -21.78 -25.86
C ILE B 52 3.51 -22.91 -26.89
N GLU B 53 4.23 -22.70 -27.99
CA GLU B 53 4.36 -23.64 -29.09
C GLU B 53 5.02 -24.94 -28.69
N LEU B 54 6.00 -24.85 -27.81
CA LEU B 54 6.69 -26.00 -27.28
C LEU B 54 5.95 -26.64 -26.12
N GLY B 55 4.80 -26.08 -25.72
CA GLY B 55 4.10 -26.49 -24.51
C GLY B 55 4.93 -26.38 -23.23
N GLU B 56 5.88 -25.44 -23.16
CA GLU B 56 6.62 -25.18 -21.94
C GLU B 56 5.83 -24.32 -20.94
N ASP B 57 6.16 -24.42 -19.65
CA ASP B 57 5.55 -23.54 -18.65
C ASP B 57 5.87 -22.08 -18.92
N VAL B 58 4.89 -21.20 -18.87
CA VAL B 58 5.22 -19.77 -18.95
C VAL B 58 5.16 -19.17 -17.56
N GLU B 59 6.35 -19.00 -16.97
CA GLU B 59 6.54 -18.47 -15.61
C GLU B 59 7.04 -17.06 -15.69
N PHE B 60 6.41 -16.17 -14.94
CA PHE B 60 6.84 -14.79 -14.91
C PHE B 60 6.40 -14.09 -13.66
N THR B 61 7.27 -13.23 -13.13
CA THR B 61 6.94 -12.40 -11.99
C THR B 61 6.51 -10.99 -12.44
N CYS B 62 6.11 -10.15 -11.50
CA CYS B 62 5.80 -8.75 -11.78
C CYS B 62 6.53 -7.89 -10.76
N SER B 63 7.62 -7.25 -11.16
CA SER B 63 8.47 -6.49 -10.23
C SER B 63 8.39 -5.01 -10.51
N THR B 64 8.81 -4.20 -9.55
CA THR B 64 8.92 -2.76 -9.79
C THR B 64 10.39 -2.49 -10.02
N VAL B 65 10.70 -1.39 -10.69
CA VAL B 65 12.10 -0.95 -10.86
C VAL B 65 12.86 -0.97 -9.52
N GLU B 66 12.20 -0.45 -8.48
CA GLU B 66 12.81 -0.28 -7.16
CA GLU B 66 12.81 -0.29 -7.15
C GLU B 66 13.32 -1.61 -6.59
N GLU B 67 12.51 -2.67 -6.69
CA GLU B 67 12.96 -3.95 -6.12
C GLU B 67 14.06 -4.63 -6.91
N LEU B 68 14.26 -4.20 -8.16
CA LEU B 68 15.31 -4.78 -9.01
C LEU B 68 16.60 -3.99 -9.08
N VAL B 69 16.48 -2.67 -8.97
CA VAL B 69 17.57 -1.70 -9.18
C VAL B 69 18.89 -1.96 -8.43
N ALA B 70 18.81 -2.56 -7.26
CA ALA B 70 19.98 -2.74 -6.40
C ALA B 70 20.64 -4.11 -6.56
N LYS B 71 20.06 -5.02 -7.35
CA LYS B 71 20.69 -6.34 -7.57
C LYS B 71 22.04 -6.22 -8.30
N PRO B 72 23.07 -6.99 -7.88
CA PRO B 72 24.44 -6.78 -8.44
C PRO B 72 24.55 -6.98 -9.97
N GLU B 73 23.73 -7.86 -10.52
CA GLU B 73 23.69 -8.12 -11.97
C GLU B 73 23.16 -6.94 -12.78
N TYR B 74 22.47 -5.99 -12.13
CA TYR B 74 21.96 -4.79 -12.81
C TYR B 74 22.69 -3.51 -12.50
N ALA B 75 23.87 -3.63 -11.86
CA ALA B 75 24.69 -2.47 -11.45
C ALA B 75 25.00 -1.58 -12.65
N GLY B 76 24.70 -0.29 -12.55
CA GLY B 76 24.95 0.63 -13.65
C GLY B 76 23.94 0.61 -14.79
N ALA B 77 22.86 -0.18 -14.67
CA ALA B 77 21.88 -0.24 -15.75
C ALA B 77 20.88 0.90 -15.68
N VAL B 78 20.26 1.20 -16.81
CA VAL B 78 19.11 2.08 -16.78
C VAL B 78 17.81 1.35 -17.11
N TRP B 79 16.68 1.91 -16.67
CA TRP B 79 15.43 1.17 -16.66
C TRP B 79 14.34 1.78 -17.52
N ALA B 80 13.52 0.92 -18.11
CA ALA B 80 12.28 1.31 -18.77
C ALA B 80 11.19 0.28 -18.49
N LEU B 81 9.98 0.54 -18.96
CA LEU B 81 8.85 -0.33 -18.70
C LEU B 81 8.19 -0.70 -20.02
N VAL B 82 8.07 -2.01 -20.28
CA VAL B 82 7.44 -2.52 -21.48
C VAL B 82 6.05 -3.12 -21.16
N SER B 83 5.04 -2.71 -21.91
CA SER B 83 3.68 -3.25 -21.76
C SER B 83 3.38 -4.36 -22.79
N VAL B 84 3.22 -5.60 -22.31
CA VAL B 84 2.84 -6.77 -23.13
C VAL B 84 1.78 -7.60 -22.41
N ASP B 85 0.66 -7.83 -23.08
CA ASP B 85 -0.37 -8.72 -22.56
C ASP B 85 -0.06 -10.18 -22.97
N LEU B 86 0.50 -10.94 -22.03
CA LEU B 86 0.96 -12.31 -22.31
C LEU B 86 -0.21 -13.26 -22.57
N SER B 87 -1.39 -12.94 -22.05
CA SER B 87 -2.58 -13.73 -22.23
C SER B 87 -3.11 -13.75 -23.67
N GLN B 88 -2.59 -12.88 -24.55
CA GLN B 88 -3.04 -12.84 -25.93
C GLN B 88 -2.14 -13.62 -26.87
N LEU B 89 -1.15 -14.32 -26.31
CA LEU B 89 -0.12 -14.89 -27.15
C LEU B 89 -0.32 -16.34 -27.59
N ASP B 90 -1.41 -16.99 -27.15
CA ASP B 90 -1.71 -18.39 -27.55
C ASP B 90 -2.58 -18.42 -28.82
N SER B 91 -2.04 -18.96 -29.92
CA SER B 91 -2.77 -19.03 -31.19
C SER B 91 -3.82 -20.18 -31.21
N LYS B 92 -3.65 -21.17 -30.33
CA LYS B 92 -4.58 -22.29 -30.15
C LYS B 92 -5.16 -22.31 -28.72
N PRO B 93 -5.97 -21.30 -28.37
CA PRO B 93 -6.49 -21.34 -27.00
C PRO B 93 -7.51 -22.47 -26.84
N GLU B 94 -7.81 -22.87 -25.61
CA GLU B 94 -8.75 -23.98 -25.42
C GLU B 94 -10.15 -23.48 -25.14
N ARG B 95 -11.13 -24.07 -25.85
CA ARG B 95 -12.54 -23.75 -25.62
C ARG B 95 -13.03 -24.58 -24.43
N ILE B 96 -13.59 -23.89 -23.43
CA ILE B 96 -14.13 -24.51 -22.26
C ILE B 96 -15.50 -23.93 -21.94
N ASN B 97 -16.25 -24.71 -21.16
CA ASN B 97 -17.55 -24.33 -20.67
C ASN B 97 -17.51 -24.00 -19.21
N VAL B 98 -18.05 -22.84 -18.85
CA VAL B 98 -18.05 -22.36 -17.46
C VAL B 98 -19.38 -21.76 -17.08
N SER B 99 -19.75 -21.94 -15.81
CA SER B 99 -20.97 -21.37 -15.21
C SER B 99 -20.60 -20.08 -14.49
N ILE B 100 -21.08 -18.97 -14.99
CA ILE B 100 -20.83 -17.65 -14.42
C ILE B 100 -22.17 -17.11 -13.89
N PRO B 101 -22.23 -16.68 -12.61
CA PRO B 101 -23.44 -16.00 -12.11
C PRO B 101 -23.86 -14.86 -13.00
N ARG B 102 -25.18 -14.72 -13.21
CA ARG B 102 -25.72 -13.71 -14.15
C ARG B 102 -25.25 -12.29 -13.87
N PHE B 103 -25.28 -11.89 -12.58
CA PHE B 103 -24.83 -10.56 -12.19
C PHE B 103 -23.35 -10.31 -12.50
N VAL B 104 -22.51 -11.35 -12.40
CA VAL B 104 -21.08 -11.24 -12.71
C VAL B 104 -20.93 -11.06 -14.22
N LEU B 105 -21.63 -11.89 -14.98
CA LEU B 105 -21.58 -11.85 -16.42
C LEU B 105 -22.05 -10.49 -17.00
N HIS B 106 -23.11 -9.93 -16.42
CA HIS B 106 -23.59 -8.60 -16.82
CA HIS B 106 -23.58 -8.61 -16.82
C HIS B 106 -22.52 -7.52 -16.57
N LYS B 107 -21.77 -7.62 -15.47
CA LYS B 107 -20.72 -6.64 -15.17
C LYS B 107 -19.56 -6.78 -16.13
N ILE B 108 -19.19 -8.04 -16.44
CA ILE B 108 -18.14 -8.30 -17.43
C ILE B 108 -18.50 -7.73 -18.79
N ASP B 109 -19.70 -8.07 -19.28
CA ASP B 109 -20.17 -7.62 -20.60
C ASP B 109 -20.22 -6.10 -20.76
N ALA B 110 -20.60 -5.40 -19.68
CA ALA B 110 -20.67 -3.94 -19.66
C ALA B 110 -19.27 -3.31 -19.68
N TYR B 111 -18.35 -3.91 -18.93
CA TYR B 111 -16.97 -3.47 -18.83
C TYR B 111 -16.22 -3.64 -20.15
N VAL B 112 -16.35 -4.81 -20.78
CA VAL B 112 -15.62 -5.08 -22.05
C VAL B 112 -16.16 -4.34 -23.29
N ALA B 113 -17.45 -3.95 -23.26
CA ALA B 113 -18.10 -3.25 -24.37
C ALA B 113 -17.46 -1.89 -24.71
N SER B 114 -17.11 -1.13 -23.67
CA SER B 114 -16.45 0.18 -23.81
CA SER B 114 -16.45 0.18 -23.81
C SER B 114 -14.97 0.05 -24.19
N ARG B 115 -14.31 -1.01 -23.72
CA ARG B 115 -12.89 -1.23 -23.95
C ARG B 115 -12.57 -2.07 -25.18
N HIS B 116 -13.62 -2.49 -25.91
CA HIS B 116 -13.52 -3.40 -27.07
C HIS B 116 -12.70 -4.68 -26.77
N GLU B 117 -12.83 -5.21 -25.56
CA GLU B 117 -12.27 -6.50 -25.17
C GLU B 117 -13.35 -7.58 -25.33
N THR B 118 -12.98 -8.84 -25.17
CA THR B 118 -13.88 -9.95 -25.24
C THR B 118 -13.97 -10.54 -23.83
N ARG B 119 -15.04 -11.31 -23.57
CA ARG B 119 -15.17 -12.04 -22.34
C ARG B 119 -13.97 -12.93 -22.02
N SER B 120 -13.49 -13.62 -23.04
CA SER B 120 -12.38 -14.58 -22.93
C SER B 120 -11.08 -13.88 -22.53
N GLY B 121 -10.83 -12.73 -23.15
CA GLY B 121 -9.65 -11.91 -22.89
C GLY B 121 -9.72 -11.37 -21.47
N PHE B 122 -10.90 -10.88 -21.08
CA PHE B 122 -11.11 -10.35 -19.73
C PHE B 122 -10.83 -11.43 -18.68
N LEU B 123 -11.38 -12.62 -18.89
CA LEU B 123 -11.29 -13.69 -17.94
C LEU B 123 -9.85 -14.25 -17.83
N ALA B 124 -9.15 -14.31 -18.94
CA ALA B 124 -7.78 -14.80 -18.92
C ALA B 124 -6.87 -13.84 -18.13
N ARG B 125 -7.08 -12.53 -18.35
CA ARG B 125 -6.32 -11.48 -17.66
C ARG B 125 -6.62 -11.49 -16.17
N ALA B 126 -7.91 -11.64 -15.84
CA ALA B 126 -8.36 -11.67 -14.47
C ALA B 126 -7.84 -12.89 -13.72
N ALA B 127 -7.71 -14.01 -14.45
CA ALA B 127 -7.23 -15.24 -13.89
C ALA B 127 -5.76 -15.07 -13.53
N LEU B 128 -4.98 -14.45 -14.43
CA LEU B 128 -3.57 -14.26 -14.15
C LEU B 128 -3.32 -13.30 -12.98
N GLU B 129 -4.16 -12.25 -12.88
CA GLU B 129 -4.08 -11.30 -11.78
C GLU B 129 -4.29 -12.01 -10.45
N ALA B 130 -5.30 -12.87 -10.41
CA ALA B 130 -5.69 -13.56 -9.21
C ALA B 130 -4.66 -14.60 -8.77
N LEU B 131 -3.97 -15.22 -9.72
CA LEU B 131 -2.92 -16.19 -9.45
C LEU B 131 -1.64 -15.53 -8.95
N ASN B 132 -1.36 -14.31 -9.42
CA ASN B 132 -0.25 -13.49 -8.96
C ASN B 132 -0.45 -13.02 -7.51
N GLU B 133 -1.70 -12.69 -7.17
CA GLU B 133 -2.16 -12.32 -5.82
C GLU B 133 -2.15 -13.50 -4.85
N GLY B 134 -2.45 -14.71 -5.37
CA GLY B 134 -2.32 -15.99 -4.64
C GLY B 134 -0.86 -16.38 -4.35
N LYS B 135 0.07 -15.88 -5.17
CA LYS B 135 1.52 -16.01 -4.96
C LYS B 135 2.12 -14.94 -4.05
N LYS B 136 1.78 -13.66 -4.26
CA LYS B 136 2.26 -12.54 -3.39
C LYS B 136 1.20 -11.91 -2.42
N MET C 1 -13.11 -8.61 -0.77
CA MET C 1 -14.23 -8.83 -1.72
C MET C 1 -15.27 -9.77 -1.12
N MET C 2 -14.87 -10.49 -0.07
CA MET C 2 -15.72 -11.48 0.54
C MET C 2 -15.95 -11.18 2.01
N GLU C 3 -15.31 -10.10 2.50
CA GLU C 3 -15.35 -9.73 3.91
C GLU C 3 -15.96 -8.35 4.05
N PHE C 4 -17.04 -8.22 4.81
CA PHE C 4 -17.74 -6.93 4.93
C PHE C 4 -17.79 -6.46 6.37
N PRO C 5 -17.31 -5.23 6.63
CA PRO C 5 -17.49 -4.60 7.93
C PRO C 5 -18.96 -4.37 8.21
N ILE C 6 -19.38 -4.64 9.45
CA ILE C 6 -20.73 -4.33 9.87
C ILE C 6 -20.70 -3.38 11.07
N ALA C 7 -21.59 -2.41 11.05
CA ALA C 7 -21.69 -1.38 12.07
C ALA C 7 -22.84 -1.71 12.99
N VAL C 8 -22.51 -1.90 14.28
CA VAL C 8 -23.47 -2.28 15.31
C VAL C 8 -23.81 -1.09 16.21
N HIS C 9 -25.08 -0.67 16.15
CA HIS C 9 -25.65 0.34 17.05
C HIS C 9 -26.47 -0.33 18.15
N LYS C 10 -26.61 0.38 19.29
CA LYS C 10 -27.36 -0.09 20.48
C LYS C 10 -27.78 1.09 21.33
N ASP C 11 -29.09 1.27 21.51
CA ASP C 11 -29.65 2.29 22.42
C ASP C 11 -30.07 1.64 23.71
N ASP C 12 -30.32 2.49 24.73
CA ASP C 12 -30.74 2.06 26.08
CA ASP C 12 -30.72 2.04 26.07
C ASP C 12 -31.88 1.01 26.01
N GLY C 13 -33.02 1.36 25.40
CA GLY C 13 -34.09 0.39 25.30
C GLY C 13 -34.26 -0.39 24.00
N SER C 14 -33.19 -0.58 23.22
CA SER C 14 -33.29 -1.15 21.88
C SER C 14 -32.56 -2.48 21.79
N VAL C 15 -32.76 -3.21 20.69
CA VAL C 15 -31.96 -4.38 20.39
C VAL C 15 -30.65 -3.90 19.75
N TYR C 16 -29.70 -4.78 19.52
CA TYR C 16 -28.57 -4.42 18.67
C TYR C 16 -29.07 -4.35 17.21
N GLY C 17 -28.75 -3.24 16.53
CA GLY C 17 -29.06 -3.06 15.14
C GLY C 17 -27.82 -2.99 14.29
N VAL C 18 -27.89 -3.51 13.07
CA VAL C 18 -26.72 -3.66 12.21
C VAL C 18 -26.91 -2.97 10.87
N THR C 19 -25.87 -2.28 10.40
CA THR C 19 -25.77 -1.76 9.05
C THR C 19 -24.59 -2.43 8.34
N VAL C 20 -24.76 -2.78 7.06
CA VAL C 20 -23.65 -3.26 6.22
C VAL C 20 -23.33 -2.17 5.17
N PRO C 21 -22.41 -1.23 5.45
CA PRO C 21 -22.33 -0.05 4.56
C PRO C 21 -21.93 -0.38 3.10
N ASP C 22 -21.18 -1.45 2.89
CA ASP C 22 -20.72 -1.84 1.57
C ASP C 22 -21.77 -2.43 0.63
N ILE C 23 -22.84 -2.98 1.16
CA ILE C 23 -23.94 -3.48 0.36
C ILE C 23 -25.15 -2.58 0.67
N PRO C 24 -25.40 -1.56 -0.16
CA PRO C 24 -26.43 -0.58 0.18
C PRO C 24 -27.83 -1.20 0.43
N GLY C 25 -28.42 -0.79 1.54
CA GLY C 25 -29.74 -1.21 1.92
C GLY C 25 -29.81 -2.35 2.91
N VAL C 26 -28.71 -3.07 3.14
CA VAL C 26 -28.72 -4.18 4.05
C VAL C 26 -28.65 -3.73 5.51
N HIS C 27 -29.60 -4.20 6.30
CA HIS C 27 -29.68 -3.96 7.73
C HIS C 27 -30.13 -5.23 8.47
N SER C 28 -29.77 -5.34 9.75
CA SER C 28 -30.14 -6.50 10.54
C SER C 28 -30.22 -6.15 12.02
N TRP C 29 -30.27 -7.17 12.87
CA TRP C 29 -30.54 -6.94 14.28
C TRP C 29 -30.16 -8.21 15.06
N GLY C 30 -30.18 -8.07 16.38
CA GLY C 30 -30.01 -9.22 17.27
C GLY C 30 -30.31 -8.79 18.69
N GLU C 31 -30.74 -9.78 19.50
CA GLU C 31 -30.96 -9.58 20.93
C GLU C 31 -29.60 -9.45 21.60
N THR C 32 -28.64 -10.23 21.10
CA THR C 32 -27.26 -10.22 21.54
C THR C 32 -26.38 -9.94 20.33
N ILE C 33 -25.12 -9.62 20.61
CA ILE C 33 -24.14 -9.38 19.57
C ILE C 33 -23.91 -10.64 18.71
N ASP C 34 -23.85 -11.82 19.35
CA ASP C 34 -23.66 -13.06 18.61
CA ASP C 34 -23.66 -13.05 18.60
C ASP C 34 -24.84 -13.33 17.67
N ASP C 35 -26.05 -12.98 18.12
CA ASP C 35 -27.24 -13.10 17.27
C ASP C 35 -27.22 -12.12 16.14
N ALA C 36 -26.83 -10.88 16.43
CA ALA C 36 -26.76 -9.83 15.44
C ALA C 36 -25.78 -10.19 14.30
N ILE C 37 -24.61 -10.72 14.65
CA ILE C 37 -23.63 -11.14 13.65
C ILE C 37 -24.18 -12.30 12.79
N LYS C 38 -24.83 -13.26 13.43
CA LYS C 38 -25.38 -14.41 12.74
C LYS C 38 -26.51 -13.96 11.79
N ASN C 39 -27.43 -13.11 12.27
CA ASN C 39 -28.52 -12.56 11.48
C ASN C 39 -28.09 -11.71 10.31
N THR C 40 -27.04 -10.91 10.50
CA THR C 40 -26.50 -10.06 9.47
C THR C 40 -26.03 -10.85 8.24
N ARG C 41 -25.33 -11.96 8.46
CA ARG C 41 -24.90 -12.81 7.34
C ARG C 41 -26.12 -13.37 6.57
N GLU C 42 -27.17 -13.77 7.28
CA GLU C 42 -28.38 -14.28 6.66
C GLU C 42 -29.10 -13.17 5.88
N ALA C 43 -29.09 -11.96 6.42
CA ALA C 43 -29.70 -10.80 5.77
C ALA C 43 -28.96 -10.40 4.50
N ILE C 44 -27.63 -10.52 4.49
CA ILE C 44 -26.84 -10.25 3.30
C ILE C 44 -27.21 -11.26 2.20
N VAL C 45 -27.12 -12.55 2.51
CA VAL C 45 -27.42 -13.65 1.63
C VAL C 45 -28.81 -13.48 1.02
N GLY C 46 -29.80 -13.26 1.86
CA GLY C 46 -31.19 -13.02 1.43
C GLY C 46 -31.38 -11.81 0.57
N HIS C 47 -30.71 -10.71 0.90
CA HIS C 47 -30.83 -9.45 0.19
C HIS C 47 -30.29 -9.63 -1.23
N VAL C 48 -29.11 -10.22 -1.34
CA VAL C 48 -28.47 -10.39 -2.62
C VAL C 48 -29.22 -11.44 -3.43
N GLU C 49 -29.67 -12.53 -2.80
CA GLU C 49 -30.50 -13.52 -3.49
C GLU C 49 -31.75 -12.86 -4.10
N THR C 50 -32.39 -11.97 -3.35
CA THR C 50 -33.55 -11.21 -3.84
C THR C 50 -33.22 -10.37 -5.07
N LEU C 51 -32.09 -9.68 -5.03
CA LEU C 51 -31.64 -8.88 -6.15
C LEU C 51 -31.45 -9.74 -7.40
N ILE C 52 -30.82 -10.90 -7.23
CA ILE C 52 -30.47 -11.80 -8.30
C ILE C 52 -31.77 -12.30 -8.93
N GLU C 53 -32.73 -12.69 -8.10
CA GLU C 53 -34.02 -13.21 -8.53
C GLU C 53 -34.86 -12.20 -9.30
N LEU C 54 -34.77 -10.95 -8.90
CA LEU C 54 -35.43 -9.85 -9.57
C LEU C 54 -34.66 -9.33 -10.78
N GLY C 55 -33.48 -9.91 -11.04
CA GLY C 55 -32.55 -9.38 -12.04
C GLY C 55 -32.11 -7.92 -11.81
N GLU C 56 -32.05 -7.49 -10.55
CA GLU C 56 -31.52 -6.18 -10.19
C GLU C 56 -29.99 -6.16 -10.17
N ASP C 57 -29.37 -5.01 -10.36
CA ASP C 57 -27.89 -4.90 -10.31
C ASP C 57 -27.41 -5.22 -8.88
N VAL C 58 -26.39 -6.07 -8.74
CA VAL C 58 -25.79 -6.23 -7.43
C VAL C 58 -24.50 -5.41 -7.33
N GLU C 59 -24.61 -4.25 -6.68
CA GLU C 59 -23.49 -3.30 -6.51
C GLU C 59 -22.98 -3.37 -5.08
N PHE C 60 -21.68 -3.47 -4.92
CA PHE C 60 -21.09 -3.51 -3.58
C PHE C 60 -19.64 -3.08 -3.60
N THR C 61 -19.23 -2.37 -2.56
CA THR C 61 -17.84 -1.99 -2.36
C THR C 61 -17.12 -2.94 -1.39
N CYS C 62 -15.83 -2.73 -1.20
CA CYS C 62 -15.07 -3.50 -0.20
C CYS C 62 -14.27 -2.53 0.67
N SER C 63 -14.72 -2.28 1.89
CA SER C 63 -14.10 -1.28 2.76
C SER C 63 -13.41 -1.92 3.94
N THR C 64 -12.52 -1.17 4.59
CA THR C 64 -11.94 -1.64 5.85
C THR C 64 -12.67 -0.88 6.94
N VAL C 65 -12.64 -1.44 8.15
CA VAL C 65 -13.20 -0.75 9.31
C VAL C 65 -12.70 0.70 9.42
N GLU C 66 -11.39 0.86 9.21
CA GLU C 66 -10.69 2.13 9.38
CA GLU C 66 -10.69 2.14 9.38
C GLU C 66 -11.27 3.22 8.49
N GLU C 67 -11.54 2.90 7.21
CA GLU C 67 -12.09 3.94 6.33
C GLU C 67 -13.54 4.30 6.61
N LEU C 68 -14.25 3.44 7.35
CA LEU C 68 -15.65 3.67 7.70
C LEU C 68 -15.89 4.28 9.08
N VAL C 69 -15.01 3.96 10.02
CA VAL C 69 -15.17 4.24 11.45
C VAL C 69 -15.42 5.71 11.81
N ALA C 70 -14.91 6.65 11.00
CA ALA C 70 -15.01 8.06 11.31
C ALA C 70 -16.20 8.76 10.65
N LYS C 71 -16.95 8.06 9.79
CA LYS C 71 -18.14 8.65 9.16
C LYS C 71 -19.22 9.00 10.20
N PRO C 72 -19.87 10.20 10.08
CA PRO C 72 -20.80 10.65 11.15
C PRO C 72 -22.00 9.70 11.42
N GLU C 73 -22.46 9.01 10.38
CA GLU C 73 -23.57 8.06 10.50
C GLU C 73 -23.22 6.81 11.32
N TYR C 74 -21.92 6.54 11.50
CA TYR C 74 -21.50 5.40 12.32
C TYR C 74 -20.90 5.77 13.68
N ALA C 75 -21.10 7.03 14.11
CA ALA C 75 -20.57 7.55 15.38
C ALA C 75 -21.11 6.71 16.54
N GLY C 76 -20.21 6.22 17.40
CA GLY C 76 -20.63 5.39 18.52
C GLY C 76 -20.86 3.93 18.18
N ALA C 77 -20.69 3.52 16.93
CA ALA C 77 -20.94 2.12 16.57
C ALA C 77 -19.76 1.22 16.87
N VAL C 78 -20.03 -0.06 17.04
CA VAL C 78 -18.96 -1.04 17.07
C VAL C 78 -18.96 -1.95 15.85
N TRP C 79 -17.81 -2.56 15.54
CA TRP C 79 -17.61 -3.20 14.27
C TRP C 79 -17.33 -4.69 14.36
N ALA C 80 -17.80 -5.43 13.35
CA ALA C 80 -17.41 -6.82 13.13
C ALA C 80 -17.23 -7.06 11.62
N LEU C 81 -16.78 -8.26 11.26
CA LEU C 81 -16.53 -8.60 9.88
C LEU C 81 -17.25 -9.87 9.50
N VAL C 82 -18.06 -9.80 8.46
CA VAL C 82 -18.86 -10.95 7.99
C VAL C 82 -18.28 -11.46 6.64
N SER C 83 -18.05 -12.77 6.56
CA SER C 83 -17.55 -13.40 5.33
C SER C 83 -18.69 -14.05 4.51
N VAL C 84 -18.96 -13.47 3.32
CA VAL C 84 -19.93 -14.02 2.36
C VAL C 84 -19.35 -13.97 0.96
N ASP C 85 -19.31 -15.12 0.28
CA ASP C 85 -18.95 -15.18 -1.14
C ASP C 85 -20.19 -14.89 -2.01
N LEU C 86 -20.33 -13.66 -2.49
CA LEU C 86 -21.50 -13.21 -3.21
C LEU C 86 -21.62 -13.91 -4.59
N SER C 87 -20.50 -14.38 -5.13
CA SER C 87 -20.47 -15.10 -6.38
C SER C 87 -21.16 -16.48 -6.35
N GLN C 88 -21.45 -16.99 -5.17
CA GLN C 88 -22.10 -18.31 -5.04
C GLN C 88 -23.59 -18.17 -4.79
N LEU C 89 -24.13 -16.98 -4.90
CA LEU C 89 -25.51 -16.76 -4.54
C LEU C 89 -26.55 -16.84 -5.67
N ASP C 90 -26.09 -17.07 -6.91
CA ASP C 90 -27.00 -17.25 -8.05
C ASP C 90 -27.31 -18.74 -8.23
N SER C 91 -28.58 -19.13 -8.04
CA SER C 91 -29.00 -20.53 -8.18
C SER C 91 -29.15 -20.96 -9.64
N LYS C 92 -29.32 -19.98 -10.56
CA LYS C 92 -29.40 -20.19 -12.01
C LYS C 92 -28.26 -19.49 -12.75
N PRO C 93 -27.00 -19.93 -12.54
CA PRO C 93 -25.94 -19.23 -13.25
C PRO C 93 -26.01 -19.52 -14.76
N GLU C 94 -25.34 -18.73 -15.58
CA GLU C 94 -25.35 -18.98 -17.02
C GLU C 94 -24.16 -19.76 -17.47
N ARG C 95 -24.38 -20.82 -18.26
CA ARG C 95 -23.28 -21.61 -18.84
C ARG C 95 -22.82 -20.90 -20.12
N ILE C 96 -21.53 -20.61 -20.22
CA ILE C 96 -20.97 -19.95 -21.38
C ILE C 96 -19.69 -20.65 -21.86
N ASN C 97 -19.35 -20.37 -23.11
CA ASN C 97 -18.17 -20.84 -23.75
C ASN C 97 -17.12 -19.74 -23.89
N VAL C 98 -15.90 -20.01 -23.45
CA VAL C 98 -14.79 -19.07 -23.50
C VAL C 98 -13.50 -19.77 -23.93
N SER C 99 -12.64 -19.01 -24.62
CA SER C 99 -11.31 -19.44 -25.02
C SER C 99 -10.30 -18.94 -23.99
N ILE C 100 -9.67 -19.86 -23.28
CA ILE C 100 -8.65 -19.57 -22.30
C ILE C 100 -7.31 -20.09 -22.83
N PRO C 101 -6.25 -19.24 -22.88
CA PRO C 101 -4.92 -19.75 -23.25
C PRO C 101 -4.52 -20.95 -22.42
N ARG C 102 -3.89 -21.94 -23.06
CA ARG C 102 -3.52 -23.20 -22.43
C ARG C 102 -2.70 -23.03 -21.14
N PHE C 103 -1.69 -22.18 -21.17
CA PHE C 103 -0.87 -21.91 -20.00
C PHE C 103 -1.66 -21.32 -18.83
N VAL C 104 -2.66 -20.49 -19.12
CA VAL C 104 -3.52 -19.90 -18.07
C VAL C 104 -4.38 -21.01 -17.46
N LEU C 105 -4.98 -21.82 -18.34
CA LEU C 105 -5.84 -22.90 -17.92
C LEU C 105 -5.11 -23.94 -17.07
N HIS C 106 -3.88 -24.28 -17.45
CA HIS C 106 -3.04 -25.19 -16.66
CA HIS C 106 -3.03 -25.19 -16.67
C HIS C 106 -2.79 -24.63 -15.26
N LYS C 107 -2.57 -23.32 -15.13
CA LYS C 107 -2.33 -22.70 -13.82
C LYS C 107 -3.59 -22.74 -12.96
N ILE C 108 -4.73 -22.45 -13.58
CA ILE C 108 -6.03 -22.52 -12.92
C ILE C 108 -6.31 -23.94 -12.38
N ASP C 109 -6.19 -24.92 -13.27
CA ASP C 109 -6.44 -26.33 -12.95
C ASP C 109 -5.56 -26.89 -11.83
N ALA C 110 -4.30 -26.46 -11.80
CA ALA C 110 -3.32 -26.86 -10.78
C ALA C 110 -3.65 -26.24 -9.44
N TYR C 111 -4.08 -24.96 -9.45
CA TYR C 111 -4.46 -24.24 -8.25
C TYR C 111 -5.73 -24.81 -7.62
N VAL C 112 -6.77 -25.07 -8.42
CA VAL C 112 -8.04 -25.59 -7.87
C VAL C 112 -8.02 -27.06 -7.43
N ALA C 113 -7.09 -27.85 -7.96
CA ALA C 113 -6.93 -29.29 -7.62
C ALA C 113 -6.62 -29.55 -6.13
N SER C 114 -5.75 -28.72 -5.57
CA SER C 114 -5.38 -28.78 -4.14
C SER C 114 -6.45 -28.20 -3.23
N ARG C 115 -7.16 -27.19 -3.72
CA ARG C 115 -8.21 -26.49 -2.96
C ARG C 115 -9.64 -27.06 -3.15
N HIS C 116 -10.60 -26.52 -2.40
CA HIS C 116 -12.05 -26.90 -2.54
CA HIS C 116 -12.03 -26.85 -2.50
C HIS C 116 -12.75 -25.97 -3.54
N GLU C 117 -12.13 -25.81 -4.72
CA GLU C 117 -12.65 -24.90 -5.78
C GLU C 117 -12.83 -25.57 -7.15
N THR C 118 -13.70 -24.98 -7.94
CA THR C 118 -13.92 -25.41 -9.33
C THR C 118 -13.42 -24.29 -10.23
N ARG C 119 -13.18 -24.59 -11.50
CA ARG C 119 -12.81 -23.58 -12.49
C ARG C 119 -13.77 -22.39 -12.52
N SER C 120 -15.07 -22.71 -12.51
CA SER C 120 -16.13 -21.72 -12.64
C SER C 120 -16.17 -20.77 -11.43
N GLY C 121 -15.99 -21.36 -10.23
CA GLY C 121 -15.99 -20.62 -8.99
C GLY C 121 -14.75 -19.72 -8.94
N PHE C 122 -13.61 -20.26 -9.35
CA PHE C 122 -12.36 -19.50 -9.39
C PHE C 122 -12.49 -18.29 -10.32
N LEU C 123 -13.03 -18.51 -11.51
CA LEU C 123 -13.16 -17.50 -12.51
C LEU C 123 -14.16 -16.40 -12.12
N ALA C 124 -15.25 -16.78 -11.48
CA ALA C 124 -16.25 -15.81 -11.08
C ALA C 124 -15.66 -14.88 -10.00
N ARG C 125 -14.92 -15.47 -9.05
CA ARG C 125 -14.28 -14.72 -7.97
C ARG C 125 -13.21 -13.79 -8.52
N ALA C 126 -12.41 -14.32 -9.45
CA ALA C 126 -11.35 -13.57 -10.10
C ALA C 126 -11.88 -12.40 -10.95
N ALA C 127 -13.07 -12.61 -11.53
CA ALA C 127 -13.71 -11.61 -12.35
C ALA C 127 -14.16 -10.48 -11.45
N LEU C 128 -14.73 -10.80 -10.29
CA LEU C 128 -15.17 -9.76 -9.37
C LEU C 128 -14.02 -8.97 -8.78
N GLU C 129 -12.89 -9.63 -8.50
CA GLU C 129 -11.67 -8.98 -8.03
C GLU C 129 -11.20 -7.95 -9.03
N ALA C 130 -11.18 -8.35 -10.31
CA ALA C 130 -10.70 -7.51 -11.38
C ALA C 130 -11.61 -6.31 -11.66
N LEU C 131 -12.92 -6.48 -11.47
CA LEU C 131 -13.90 -5.42 -11.64
C LEU C 131 -13.87 -4.42 -10.49
N ASN C 132 -13.54 -4.87 -9.29
CA ASN C 132 -13.34 -4.02 -8.12
C ASN C 132 -12.10 -3.14 -8.25
N GLU C 133 -11.03 -3.71 -8.85
CA GLU C 133 -9.77 -3.02 -9.18
C GLU C 133 -9.97 -2.01 -10.33
N GLY C 134 -10.86 -2.33 -11.29
CA GLY C 134 -11.30 -1.41 -12.35
C GLY C 134 -12.14 -0.23 -11.84
N LYS C 135 -12.79 -0.40 -10.69
CA LYS C 135 -13.53 0.65 -9.96
C LYS C 135 -12.66 1.49 -9.02
N LYS C 136 -11.77 0.86 -8.24
CA LYS C 136 -10.94 1.56 -7.26
C LYS C 136 -10.48 2.99 -7.64
N MET D 1 12.97 8.49 1.81
CA MET D 1 12.81 9.75 1.04
C MET D 1 14.21 10.36 0.75
N MET D 2 15.09 9.41 0.49
CA MET D 2 16.49 9.67 0.22
C MET D 2 16.91 9.09 -1.11
N GLU D 3 15.93 8.56 -1.85
CA GLU D 3 16.14 7.90 -3.16
C GLU D 3 15.35 8.67 -4.20
N PHE D 4 16.03 9.17 -5.23
CA PHE D 4 15.36 9.99 -6.25
C PHE D 4 15.53 9.37 -7.63
N PRO D 5 14.41 9.13 -8.32
CA PRO D 5 14.44 8.72 -9.73
C PRO D 5 15.05 9.79 -10.59
N ILE D 6 15.91 9.40 -11.51
CA ILE D 6 16.45 10.33 -12.50
C ILE D 6 16.10 9.90 -13.91
N ALA D 7 15.70 10.87 -14.71
CA ALA D 7 15.29 10.66 -16.09
C ALA D 7 16.43 11.01 -17.02
N VAL D 8 16.88 10.00 -17.78
CA VAL D 8 18.01 10.13 -18.71
C VAL D 8 17.53 10.21 -20.16
N HIS D 9 17.77 11.37 -20.77
CA HIS D 9 17.54 11.59 -22.20
C HIS D 9 18.86 11.48 -22.98
N LYS D 10 18.75 11.16 -24.27
CA LYS D 10 19.88 10.93 -25.18
C LYS D 10 19.44 11.08 -26.63
N ASP D 11 20.00 12.06 -27.35
CA ASP D 11 19.76 12.27 -28.79
C ASP D 11 20.96 11.73 -29.57
N ASP D 12 20.78 11.56 -30.89
CA ASP D 12 21.80 11.03 -31.78
CA ASP D 12 21.83 11.06 -31.82
C ASP D 12 23.18 11.75 -31.57
N GLY D 13 23.21 13.06 -31.75
CA GLY D 13 24.47 13.76 -31.50
C GLY D 13 24.70 14.45 -30.14
N SER D 14 24.04 13.98 -29.07
CA SER D 14 24.09 14.64 -27.77
C SER D 14 24.78 13.79 -26.73
N VAL D 15 25.08 14.37 -25.58
CA VAL D 15 25.54 13.61 -24.43
C VAL D 15 24.30 13.05 -23.73
N TYR D 16 24.49 12.18 -22.73
CA TYR D 16 23.36 11.84 -21.87
C TYR D 16 23.03 13.05 -20.97
N GLY D 17 21.76 13.43 -20.93
CA GLY D 17 21.29 14.52 -20.11
C GLY D 17 20.31 14.02 -19.06
N VAL D 18 20.37 14.59 -17.86
CA VAL D 18 19.62 14.05 -16.71
C VAL D 18 18.69 15.12 -16.10
N THR D 19 17.46 14.70 -15.78
CA THR D 19 16.51 15.48 -15.01
C THR D 19 16.23 14.75 -13.68
N VAL D 20 16.15 15.49 -12.58
CA VAL D 20 15.72 14.93 -11.30
C VAL D 20 14.32 15.50 -10.95
N PRO D 21 13.22 14.85 -11.36
CA PRO D 21 11.92 15.54 -11.30
C PRO D 21 11.48 15.92 -9.86
N ASP D 22 11.91 15.17 -8.85
CA ASP D 22 11.52 15.42 -7.46
C ASP D 22 12.18 16.64 -6.80
N ILE D 23 13.33 17.07 -7.29
CA ILE D 23 13.97 18.28 -6.78
C ILE D 23 13.94 19.28 -7.94
N PRO D 24 12.94 20.19 -7.97
CA PRO D 24 12.77 21.09 -9.10
C PRO D 24 14.01 21.92 -9.46
N GLY D 25 14.35 21.88 -10.75
CA GLY D 25 15.47 22.63 -11.28
C GLY D 25 16.78 21.89 -11.41
N VAL D 26 16.88 20.69 -10.83
CA VAL D 26 18.12 19.92 -10.91
C VAL D 26 18.27 19.21 -12.24
N HIS D 27 19.41 19.46 -12.90
CA HIS D 27 19.75 18.82 -14.16
C HIS D 27 21.24 18.45 -14.20
N SER D 28 21.59 17.45 -15.00
CA SER D 28 22.99 17.03 -15.11
C SER D 28 23.27 16.38 -16.45
N TRP D 29 24.41 15.70 -16.57
CA TRP D 29 24.84 15.19 -17.87
C TRP D 29 25.95 14.15 -17.64
N GLY D 30 26.32 13.47 -18.74
CA GLY D 30 27.46 12.57 -18.75
C GLY D 30 27.74 12.15 -20.17
N GLU D 31 29.01 11.80 -20.43
CA GLU D 31 29.43 11.23 -21.72
C GLU D 31 28.91 9.81 -21.79
N THR D 32 28.90 9.12 -20.65
CA THR D 32 28.39 7.79 -20.49
C THR D 32 27.32 7.80 -19.40
N ILE D 33 26.55 6.73 -19.33
CA ILE D 33 25.52 6.58 -18.32
C ILE D 33 26.13 6.56 -16.91
N ASP D 34 27.26 5.86 -16.74
CA ASP D 34 27.91 5.82 -15.44
CA ASP D 34 27.93 5.80 -15.44
C ASP D 34 28.39 7.20 -15.00
N ASP D 35 28.86 8.00 -15.95
CA ASP D 35 29.26 9.38 -15.67
C ASP D 35 28.05 10.24 -15.32
N ALA D 36 26.97 10.07 -16.07
CA ALA D 36 25.75 10.82 -15.85
C ALA D 36 25.17 10.56 -14.46
N ILE D 37 25.16 9.30 -14.01
CA ILE D 37 24.65 8.97 -12.67
C ILE D 37 25.56 9.59 -11.59
N LYS D 38 26.87 9.51 -11.77
CA LYS D 38 27.82 10.05 -10.83
C LYS D 38 27.67 11.58 -10.75
N ASN D 39 27.61 12.26 -11.90
CA ASN D 39 27.40 13.70 -11.99
C ASN D 39 26.11 14.21 -11.40
N THR D 40 25.02 13.46 -11.61
CA THR D 40 23.71 13.79 -11.10
C THR D 40 23.69 13.89 -9.56
N ARG D 41 24.33 12.95 -8.88
CA ARG D 41 24.41 13.00 -7.41
C ARG D 41 25.18 14.26 -6.96
N GLU D 42 26.25 14.61 -7.65
CA GLU D 42 27.03 15.81 -7.34
C GLU D 42 26.22 17.07 -7.59
N ALA D 43 25.41 17.07 -8.66
CA ALA D 43 24.56 18.19 -8.99
C ALA D 43 23.44 18.39 -7.98
N ILE D 44 22.88 17.29 -7.45
CA ILE D 44 21.88 17.37 -6.41
C ILE D 44 22.46 18.03 -5.15
N VAL D 45 23.57 17.47 -4.66
CA VAL D 45 24.28 17.92 -3.47
C VAL D 45 24.60 19.41 -3.61
N GLY D 46 25.19 19.80 -4.72
CA GLY D 46 25.51 21.22 -4.99
C GLY D 46 24.31 22.13 -5.06
N HIS D 47 23.23 21.67 -5.70
CA HIS D 47 22.01 22.46 -5.87
C HIS D 47 21.41 22.75 -4.51
N VAL D 48 21.28 21.72 -3.68
CA VAL D 48 20.64 21.85 -2.40
C VAL D 48 21.57 22.64 -1.45
N GLU D 49 22.88 22.41 -1.51
CA GLU D 49 23.82 23.21 -0.71
C GLU D 49 23.68 24.71 -1.06
N THR D 50 23.52 25.04 -2.35
CA THR D 50 23.30 26.41 -2.81
C THR D 50 22.03 27.01 -2.22
N LEU D 51 20.94 26.23 -2.20
CA LEU D 51 19.68 26.67 -1.61
C LEU D 51 19.86 27.01 -0.12
N ILE D 52 20.56 26.13 0.59
CA ILE D 52 20.78 26.22 2.01
C ILE D 52 21.58 27.50 2.29
N GLU D 53 22.62 27.73 1.51
CA GLU D 53 23.52 28.88 1.64
C GLU D 53 22.82 30.19 1.40
N LEU D 54 21.89 30.21 0.46
CA LEU D 54 21.08 31.36 0.15
C LEU D 54 19.88 31.51 1.09
N GLY D 55 19.72 30.58 2.02
CA GLY D 55 18.50 30.49 2.84
C GLY D 55 17.20 30.33 2.06
N GLU D 56 17.24 29.71 0.88
CA GLU D 56 16.05 29.42 0.09
C GLU D 56 15.30 28.18 0.59
N ASP D 57 14.02 28.07 0.31
CA ASP D 57 13.26 26.88 0.69
C ASP D 57 13.78 25.64 -0.04
N VAL D 58 14.00 24.54 0.66
CA VAL D 58 14.29 23.30 -0.03
C VAL D 58 13.06 22.42 -0.08
N GLU D 59 12.42 22.43 -1.25
CA GLU D 59 11.17 21.67 -1.50
C GLU D 59 11.50 20.46 -2.37
N PHE D 60 11.01 19.30 -1.97
CA PHE D 60 11.24 18.10 -2.75
C PHE D 60 10.19 17.04 -2.47
N THR D 61 9.79 16.32 -3.50
CA THR D 61 8.87 15.20 -3.35
C THR D 61 9.63 13.87 -3.34
N CYS D 62 8.92 12.75 -3.16
CA CYS D 62 9.53 11.43 -3.25
C CYS D 62 8.65 10.56 -4.15
N SER D 63 9.11 10.32 -5.38
CA SER D 63 8.33 9.59 -6.37
C SER D 63 8.95 8.25 -6.68
N THR D 64 8.16 7.34 -7.26
CA THR D 64 8.72 6.08 -7.75
C THR D 64 8.84 6.25 -9.25
N VAL D 65 9.70 5.44 -9.86
CA VAL D 65 9.81 5.40 -11.32
C VAL D 65 8.44 5.30 -12.00
N GLU D 66 7.61 4.39 -11.46
CA GLU D 66 6.31 4.05 -12.03
CA GLU D 66 6.31 4.05 -12.06
C GLU D 66 5.40 5.27 -12.15
N GLU D 67 5.34 6.09 -11.10
CA GLU D 67 4.45 7.26 -11.18
C GLU D 67 4.95 8.37 -12.09
N LEU D 68 6.24 8.33 -12.45
CA LEU D 68 6.84 9.33 -13.34
C LEU D 68 6.94 8.94 -14.80
N VAL D 69 7.12 7.63 -15.03
CA VAL D 69 7.43 7.05 -16.35
C VAL D 69 6.49 7.43 -17.50
N ALA D 70 5.22 7.67 -17.20
CA ALA D 70 4.22 7.93 -18.23
C ALA D 70 4.00 9.42 -18.52
N LYS D 71 4.63 10.32 -17.76
CA LYS D 71 4.46 11.77 -18.00
C LYS D 71 5.08 12.18 -19.36
N PRO D 72 4.38 13.05 -20.13
CA PRO D 72 4.82 13.35 -21.51
C PRO D 72 6.24 13.95 -21.63
N GLU D 73 6.67 14.70 -20.62
CA GLU D 73 8.01 15.31 -20.59
C GLU D 73 9.14 14.28 -20.41
N TYR D 74 8.79 13.06 -19.97
CA TYR D 74 9.80 12.00 -19.84
C TYR D 74 9.70 10.90 -20.89
N ALA D 75 8.93 11.14 -21.97
CA ALA D 75 8.72 10.17 -23.06
C ALA D 75 10.05 9.75 -23.66
N GLY D 76 10.30 8.44 -23.72
CA GLY D 76 11.57 7.95 -24.26
C GLY D 76 12.75 7.98 -23.32
N ALA D 77 12.57 8.43 -22.08
CA ALA D 77 13.68 8.49 -21.13
C ALA D 77 13.95 7.16 -20.46
N VAL D 78 15.17 6.96 -20.00
CA VAL D 78 15.45 5.83 -19.14
C VAL D 78 15.77 6.26 -17.70
N TRP D 79 15.59 5.34 -16.76
CA TRP D 79 15.57 5.71 -15.35
C TRP D 79 16.65 5.06 -14.52
N ALA D 80 17.14 5.81 -13.54
CA ALA D 80 18.01 5.28 -12.47
C ALA D 80 17.59 5.91 -11.12
N LEU D 81 18.20 5.46 -10.05
CA LEU D 81 17.85 5.91 -8.71
C LEU D 81 19.08 6.38 -7.97
N VAL D 82 19.06 7.63 -7.50
CA VAL D 82 20.21 8.24 -6.82
C VAL D 82 19.90 8.38 -5.31
N SER D 83 20.82 7.93 -4.47
CA SER D 83 20.62 8.04 -3.00
C SER D 83 21.38 9.23 -2.40
N VAL D 84 20.64 10.24 -1.93
CA VAL D 84 21.20 11.44 -1.26
C VAL D 84 20.40 11.77 -0.02
N ASP D 85 21.08 11.85 1.12
CA ASP D 85 20.45 12.30 2.37
C ASP D 85 20.50 13.84 2.44
N LEU D 86 19.40 14.50 2.09
CA LEU D 86 19.37 15.96 1.99
C LEU D 86 19.52 16.65 3.37
N SER D 87 19.15 15.94 4.42
CA SER D 87 19.25 16.43 5.78
C SER D 87 20.71 16.59 6.28
N GLN D 88 21.69 16.07 5.55
CA GLN D 88 23.10 16.19 5.94
C GLN D 88 23.81 17.29 5.19
N LEU D 89 23.06 18.09 4.45
CA LEU D 89 23.70 19.06 3.57
C LEU D 89 23.85 20.47 4.14
N ASP D 90 23.37 20.71 5.37
CA ASP D 90 23.54 22.01 6.04
C ASP D 90 24.82 22.01 6.90
N SER D 91 25.81 22.83 6.53
CA SER D 91 27.08 22.88 7.27
C SER D 91 26.97 23.74 8.54
N LYS D 92 25.96 24.61 8.61
CA LYS D 92 25.64 25.42 9.80
C LYS D 92 24.25 25.08 10.38
N PRO D 93 24.06 23.85 10.89
CA PRO D 93 22.71 23.56 11.41
C PRO D 93 22.44 24.37 12.69
N GLU D 94 21.20 24.48 13.11
CA GLU D 94 20.88 25.19 14.32
C GLU D 94 20.77 24.26 15.53
N ARG D 95 21.42 24.62 16.62
CA ARG D 95 21.35 23.83 17.85
CA ARG D 95 21.38 23.82 17.84
C ARG D 95 20.14 24.27 18.64
N ILE D 96 19.28 23.31 19.01
CA ILE D 96 18.04 23.63 19.75
C ILE D 96 17.83 22.71 20.93
N ASN D 97 17.00 23.15 21.85
CA ASN D 97 16.60 22.39 23.00
C ASN D 97 15.20 21.87 22.91
N VAL D 98 15.02 20.56 23.13
CA VAL D 98 13.68 19.92 23.07
C VAL D 98 13.54 18.91 24.21
N SER D 99 12.31 18.73 24.67
CA SER D 99 11.91 17.76 25.67
C SER D 99 11.39 16.52 24.98
N ILE D 100 12.08 15.41 25.14
CA ILE D 100 11.69 14.12 24.57
C ILE D 100 11.31 13.19 25.73
N PRO D 101 10.11 12.57 25.69
CA PRO D 101 9.76 11.56 26.71
C PRO D 101 10.83 10.50 26.84
N ARG D 102 11.11 10.09 28.09
CA ARG D 102 12.22 9.15 28.38
C ARG D 102 12.15 7.85 27.58
N PHE D 103 10.95 7.24 27.51
CA PHE D 103 10.75 6.02 26.74
C PHE D 103 11.06 6.19 25.25
N VAL D 104 10.75 7.37 24.69
CA VAL D 104 11.03 7.65 23.27
C VAL D 104 12.53 7.79 23.09
N LEU D 105 13.16 8.54 23.98
CA LEU D 105 14.60 8.77 23.92
C LEU D 105 15.41 7.47 24.05
N HIS D 106 14.98 6.59 24.95
CA HIS D 106 15.62 5.28 25.08
CA HIS D 106 15.56 5.24 25.12
C HIS D 106 15.52 4.47 23.77
N LYS D 107 14.38 4.54 23.08
CA LYS D 107 14.21 3.83 21.80
C LYS D 107 15.08 4.42 20.72
N ILE D 108 15.15 5.76 20.66
CA ILE D 108 16.03 6.49 19.72
C ILE D 108 17.48 6.08 19.90
N ASP D 109 17.96 6.19 21.15
CA ASP D 109 19.37 5.88 21.47
C ASP D 109 19.79 4.43 21.13
N ALA D 110 18.87 3.48 21.35
CA ALA D 110 19.08 2.07 21.05
C ALA D 110 19.11 1.82 19.55
N TYR D 111 18.23 2.50 18.82
CA TYR D 111 18.11 2.38 17.38
C TYR D 111 19.32 2.94 16.66
N VAL D 112 19.78 4.13 17.07
CA VAL D 112 20.92 4.75 16.39
C VAL D 112 22.29 4.10 16.67
N ALA D 113 22.41 3.43 17.83
CA ALA D 113 23.65 2.75 18.25
C ALA D 113 24.11 1.65 17.26
N SER D 114 23.14 0.84 16.80
CA SER D 114 23.40 -0.23 15.85
CA SER D 114 23.29 -0.24 15.82
C SER D 114 23.60 0.27 14.42
N ARG D 115 22.94 1.37 14.07
CA ARG D 115 22.99 1.93 12.72
C ARG D 115 24.08 2.99 12.53
N HIS D 116 24.82 3.27 13.59
CA HIS D 116 25.87 4.33 13.65
C HIS D 116 25.36 5.70 13.15
N GLU D 117 24.11 6.01 13.50
CA GLU D 117 23.51 7.32 13.29
C GLU D 117 23.66 8.14 14.57
N THR D 118 23.31 9.42 14.52
CA THR D 118 23.32 10.28 15.70
C THR D 118 21.87 10.63 15.99
N ARG D 119 21.58 11.07 17.22
CA ARG D 119 20.24 11.55 17.55
C ARG D 119 19.74 12.64 16.60
N SER D 120 20.63 13.59 16.31
CA SER D 120 20.30 14.74 15.47
C SER D 120 19.95 14.33 14.03
N GLY D 121 20.73 13.40 13.50
CA GLY D 121 20.55 12.87 12.15
C GLY D 121 19.26 12.10 12.09
N PHE D 122 18.99 11.28 13.10
CA PHE D 122 17.76 10.48 13.16
C PHE D 122 16.55 11.39 13.17
N LEU D 123 16.60 12.44 14.02
CA LEU D 123 15.46 13.31 14.21
C LEU D 123 15.20 14.17 12.97
N ALA D 124 16.26 14.62 12.29
CA ALA D 124 16.08 15.44 11.12
C ALA D 124 15.42 14.62 9.99
N ARG D 125 15.87 13.35 9.83
CA ARG D 125 15.33 12.44 8.82
C ARG D 125 13.88 12.10 9.13
N ALA D 126 13.60 11.85 10.41
CA ALA D 126 12.26 11.51 10.87
C ALA D 126 11.30 12.66 10.73
N ALA D 127 11.83 13.90 10.86
CA ALA D 127 11.04 15.10 10.74
C ALA D 127 10.64 15.24 9.29
N LEU D 128 11.58 15.01 8.37
CA LEU D 128 11.28 15.13 6.95
C LEU D 128 10.27 14.06 6.47
N GLU D 129 10.38 12.85 7.01
CA GLU D 129 9.44 11.75 6.71
C GLU D 129 8.04 12.15 7.12
N ALA D 130 7.91 12.72 8.31
CA ALA D 130 6.63 13.09 8.86
C ALA D 130 5.98 14.26 8.12
N LEU D 131 6.80 15.19 7.61
CA LEU D 131 6.33 16.32 6.82
C LEU D 131 5.90 15.91 5.42
N ASN D 132 6.54 14.90 4.85
CA ASN D 132 6.17 14.31 3.56
C ASN D 132 4.82 13.58 3.63
N GLU D 133 4.58 12.90 4.77
CA GLU D 133 3.32 12.24 5.11
C GLU D 133 2.19 13.22 5.40
N GLY D 134 2.53 14.38 6.00
CA GLY D 134 1.61 15.53 6.17
C GLY D 134 1.21 16.22 4.86
N LYS D 135 2.06 16.09 3.85
CA LYS D 135 1.80 16.55 2.44
C LYS D 135 1.23 15.41 1.61
N LYS D 136 0.14 14.77 2.04
CA LYS D 136 -0.48 13.67 1.25
C LYS D 136 -1.97 13.82 1.22
N PRO E 4 35.65 -10.73 -24.41
CA PRO E 4 35.56 -12.21 -24.43
C PRO E 4 34.51 -12.76 -25.45
N PHE E 5 33.28 -12.95 -24.98
CA PHE E 5 32.18 -13.39 -25.82
C PHE E 5 31.13 -12.27 -26.01
N THR E 6 31.56 -11.05 -26.27
CA THR E 6 30.60 -9.97 -26.39
C THR E 6 30.00 -9.83 -27.78
N ASN E 7 30.74 -10.25 -28.81
CA ASN E 7 30.18 -10.38 -30.16
C ASN E 7 29.03 -11.43 -30.18
N SER E 8 27.85 -10.99 -30.65
CA SER E 8 26.67 -11.84 -30.65
C SER E 8 26.89 -13.18 -31.38
N SER E 9 27.71 -13.17 -32.45
CA SER E 9 28.05 -14.38 -33.21
C SER E 9 28.87 -15.36 -32.41
N LYS E 10 29.93 -14.88 -31.76
CA LYS E 10 30.76 -15.70 -30.85
C LYS E 10 29.97 -16.25 -29.68
N LEU E 11 29.02 -15.45 -29.18
CA LEU E 11 28.21 -15.85 -28.05
C LEU E 11 27.25 -16.99 -28.43
N ILE E 12 26.57 -16.80 -29.56
CA ILE E 12 25.68 -17.82 -30.10
C ILE E 12 26.47 -19.08 -30.38
N ARG E 13 27.68 -18.96 -30.92
CA ARG E 13 28.52 -20.13 -31.18
C ARG E 13 28.83 -20.89 -29.92
N MET E 14 29.22 -20.15 -28.85
CA MET E 14 29.51 -20.76 -27.57
C MET E 14 28.27 -21.50 -27.01
N LEU E 15 27.09 -20.91 -27.17
CA LEU E 15 25.87 -21.59 -26.74
C LEU E 15 25.61 -22.87 -27.54
N GLU E 16 25.83 -22.79 -28.85
CA GLU E 16 25.61 -23.92 -29.72
C GLU E 16 26.54 -25.09 -29.44
N GLU E 17 27.81 -24.79 -29.23
CA GLU E 17 28.82 -25.77 -28.79
C GLU E 17 28.54 -26.37 -27.40
N ASP E 18 27.76 -25.67 -26.58
CA ASP E 18 27.27 -26.21 -25.33
C ASP E 18 26.01 -27.06 -25.48
N GLY E 19 25.48 -27.16 -26.70
CA GLY E 19 24.31 -27.99 -26.98
C GLY E 19 22.98 -27.27 -27.11
N TRP E 20 22.99 -25.92 -26.97
CA TRP E 20 21.80 -25.11 -27.16
C TRP E 20 21.47 -25.10 -28.66
N ARG E 21 20.20 -25.31 -28.99
CA ARG E 21 19.74 -25.39 -30.37
CA ARG E 21 19.74 -25.40 -30.38
C ARG E 21 18.77 -24.26 -30.67
N LEU E 22 19.00 -23.57 -31.78
CA LEU E 22 18.09 -22.55 -32.21
C LEU E 22 16.75 -23.17 -32.65
N VAL E 23 15.64 -22.79 -32.03
CA VAL E 23 14.32 -23.32 -32.37
C VAL E 23 13.35 -22.34 -33.03
N ARG E 24 13.49 -21.04 -32.75
CA ARG E 24 12.72 -19.99 -33.44
C ARG E 24 13.56 -18.73 -33.54
N VAL E 25 13.21 -17.92 -34.54
CA VAL E 25 13.82 -16.58 -34.74
C VAL E 25 12.70 -15.54 -34.89
N THR E 26 12.74 -14.46 -34.09
CA THR E 26 11.77 -13.38 -34.21
C THR E 26 12.53 -12.07 -34.47
N GLY E 27 12.71 -11.73 -35.75
CA GLY E 27 13.51 -10.59 -36.16
C GLY E 27 14.95 -10.85 -35.75
N SER E 28 15.46 -10.04 -34.82
CA SER E 28 16.81 -10.23 -34.35
C SER E 28 16.91 -11.17 -33.12
N ALA E 29 15.77 -11.55 -32.56
CA ALA E 29 15.72 -12.39 -31.37
C ALA E 29 15.85 -13.85 -31.74
N HIS E 30 16.87 -14.49 -31.18
CA HIS E 30 17.18 -15.90 -31.42
C HIS E 30 16.85 -16.74 -30.16
N HIS E 31 15.84 -17.60 -30.28
CA HIS E 31 15.34 -18.40 -29.19
C HIS E 31 15.96 -19.81 -29.19
N PHE E 32 16.64 -20.15 -28.09
CA PHE E 32 17.39 -21.40 -27.93
C PHE E 32 16.85 -22.33 -26.86
N LYS E 33 16.84 -23.62 -27.18
CA LYS E 33 16.44 -24.71 -26.29
C LYS E 33 17.54 -25.73 -26.15
N HIS E 34 17.63 -26.36 -24.98
CA HIS E 34 18.67 -27.35 -24.68
C HIS E 34 17.98 -28.67 -24.34
N PRO E 35 18.54 -29.82 -24.78
CA PRO E 35 17.93 -31.09 -24.39
C PRO E 35 18.02 -31.45 -22.87
N LYS E 36 19.04 -30.99 -22.15
CA LYS E 36 19.22 -31.36 -20.73
CA LYS E 36 19.21 -31.35 -20.73
C LYS E 36 19.06 -30.17 -19.73
N LYS E 37 19.51 -28.99 -20.11
CA LYS E 37 19.45 -27.81 -19.24
C LYS E 37 18.08 -27.11 -19.32
N PRO E 38 17.59 -26.50 -18.23
CA PRO E 38 16.18 -25.99 -18.31
C PRO E 38 16.05 -24.58 -18.91
N GLY E 39 14.86 -24.27 -19.41
CA GLY E 39 14.50 -22.93 -19.89
C GLY E 39 14.75 -22.61 -21.37
N LEU E 40 14.05 -21.59 -21.83
CA LEU E 40 14.28 -21.02 -23.15
C LEU E 40 15.16 -19.78 -23.00
N VAL E 41 16.18 -19.65 -23.83
CA VAL E 41 17.13 -18.55 -23.75
C VAL E 41 17.07 -17.66 -25.02
N THR E 42 16.66 -16.39 -24.87
CA THR E 42 16.54 -15.50 -26.00
C THR E 42 17.79 -14.60 -26.11
N VAL E 43 18.48 -14.67 -27.25
CA VAL E 43 19.76 -13.98 -27.48
C VAL E 43 19.56 -12.97 -28.62
N PRO E 44 19.89 -11.69 -28.40
CA PRO E 44 19.84 -10.73 -29.50
C PRO E 44 20.97 -10.98 -30.47
N HIS E 45 20.70 -10.87 -31.78
CA HIS E 45 21.74 -11.09 -32.77
C HIS E 45 22.00 -9.89 -33.69
N PRO E 46 22.63 -8.81 -33.17
CA PRO E 46 22.91 -7.70 -34.07
C PRO E 46 24.15 -7.84 -34.94
N LYS E 47 24.91 -8.91 -34.69
CA LYS E 47 26.23 -9.18 -35.25
C LYS E 47 27.18 -8.05 -34.89
N LYS E 48 27.13 -7.65 -33.63
CA LYS E 48 28.00 -6.58 -33.09
C LYS E 48 28.23 -6.94 -31.64
N ASP E 49 29.04 -6.15 -30.97
CA ASP E 49 29.30 -6.35 -29.55
C ASP E 49 28.12 -5.92 -28.69
N LEU E 50 27.74 -6.85 -27.81
CA LEU E 50 26.75 -6.64 -26.79
C LEU E 50 27.48 -6.23 -25.52
N PRO E 51 26.80 -5.45 -24.65
CA PRO E 51 27.38 -5.08 -23.37
C PRO E 51 27.63 -6.27 -22.47
N ILE E 52 28.69 -6.18 -21.66
CA ILE E 52 29.13 -7.27 -20.80
C ILE E 52 27.99 -7.71 -19.86
N GLY E 53 27.21 -6.74 -19.39
CA GLY E 53 26.12 -6.98 -18.45
C GLY E 53 25.01 -7.84 -19.01
N THR E 54 24.63 -7.60 -20.26
CA THR E 54 23.61 -8.43 -20.88
C THR E 54 24.18 -9.78 -21.33
N VAL E 55 25.46 -9.77 -21.71
CA VAL E 55 26.17 -11.03 -21.98
C VAL E 55 26.19 -11.99 -20.77
N LYS E 56 26.52 -11.47 -19.58
CA LYS E 56 26.58 -12.30 -18.36
C LYS E 56 25.22 -12.89 -17.99
N SER E 57 24.16 -12.09 -18.13
CA SER E 57 22.80 -12.56 -17.95
C SER E 57 22.46 -13.72 -18.91
N ILE E 58 22.88 -13.61 -20.18
CA ILE E 58 22.64 -14.67 -21.17
C ILE E 58 23.39 -15.94 -20.79
N GLN E 59 24.67 -15.81 -20.45
CA GLN E 59 25.45 -16.92 -19.94
C GLN E 59 24.81 -17.60 -18.71
N LYS E 60 24.26 -16.81 -17.79
CA LYS E 60 23.65 -17.36 -16.60
C LYS E 60 22.41 -18.19 -16.94
N SER E 61 21.53 -17.65 -17.80
CA SER E 61 20.35 -18.36 -18.27
C SER E 61 20.73 -19.68 -18.98
N ALA E 62 21.88 -19.71 -19.61
CA ALA E 62 22.32 -20.86 -20.40
C ALA E 62 23.11 -21.89 -19.60
N GLY E 63 23.27 -21.61 -18.31
CA GLY E 63 24.03 -22.44 -17.39
C GLY E 63 25.51 -22.45 -17.68
N LEU E 64 26.04 -21.37 -18.22
CA LEU E 64 27.47 -21.19 -18.49
C LEU E 64 28.01 -20.12 -17.53
N PHE F 5 -14.81 -17.06 37.89
CA PHE F 5 -13.88 -16.02 38.30
C PHE F 5 -14.23 -14.63 37.68
N THR F 6 -15.48 -14.38 37.34
CA THR F 6 -15.83 -13.26 36.50
C THR F 6 -16.09 -12.00 37.29
N ASN F 7 -16.45 -12.11 38.56
CA ASN F 7 -16.49 -10.95 39.45
C ASN F 7 -15.11 -10.27 39.60
N SER F 8 -15.06 -8.96 39.30
CA SER F 8 -13.82 -8.20 39.36
C SER F 8 -13.10 -8.29 40.71
N SER F 9 -13.86 -8.38 41.81
CA SER F 9 -13.31 -8.54 43.17
C SER F 9 -12.62 -9.88 43.35
N LYS F 10 -13.29 -10.97 42.97
CA LYS F 10 -12.70 -12.32 43.00
CA LYS F 10 -12.71 -12.32 43.01
C LYS F 10 -11.47 -12.41 42.10
N LEU F 11 -11.50 -11.72 40.95
CA LEU F 11 -10.42 -11.74 40.02
C LEU F 11 -9.15 -11.03 40.56
N ILE F 12 -9.37 -9.85 41.12
CA ILE F 12 -8.31 -9.10 41.79
C ILE F 12 -7.73 -9.93 42.93
N ARG F 13 -8.60 -10.60 43.69
CA ARG F 13 -8.12 -11.48 44.78
C ARG F 13 -7.23 -12.61 44.27
N MET F 14 -7.65 -13.25 43.18
N MET F 14 -7.65 -13.25 43.18
CA MET F 14 -6.88 -14.31 42.52
CA MET F 14 -6.86 -14.29 42.54
C MET F 14 -5.50 -13.78 42.06
C MET F 14 -5.50 -13.78 42.06
N LEU F 15 -5.47 -12.54 41.54
CA LEU F 15 -4.22 -11.94 41.14
C LEU F 15 -3.30 -11.71 42.36
N GLU F 16 -3.90 -11.21 43.44
CA GLU F 16 -3.18 -10.90 44.66
C GLU F 16 -2.59 -12.16 45.32
N GLU F 17 -3.37 -13.21 45.38
CA GLU F 17 -2.91 -14.53 45.85
C GLU F 17 -1.82 -15.14 44.99
N ASP F 18 -1.75 -14.73 43.73
CA ASP F 18 -0.64 -15.13 42.87
C ASP F 18 0.61 -14.21 43.04
N GLY F 19 0.52 -13.19 43.88
CA GLY F 19 1.66 -12.30 44.16
C GLY F 19 1.64 -10.94 43.46
N TRP F 20 0.61 -10.67 42.64
CA TRP F 20 0.44 -9.40 41.96
C TRP F 20 0.10 -8.33 43.00
N ARG F 21 0.78 -7.17 42.91
CA ARG F 21 0.60 -6.10 43.88
C ARG F 21 0.02 -4.86 43.18
N LEU F 22 -1.00 -4.27 43.77
CA LEU F 22 -1.53 -3.03 43.24
C LEU F 22 -0.52 -1.89 43.44
N VAL F 23 -0.10 -1.23 42.35
CA VAL F 23 0.80 -0.09 42.44
C VAL F 23 0.18 1.29 42.13
N ARG F 24 -0.87 1.35 41.32
CA ARG F 24 -1.52 2.60 40.94
C ARG F 24 -2.96 2.34 40.60
N VAL F 25 -3.82 3.36 40.76
CA VAL F 25 -5.25 3.29 40.41
C VAL F 25 -5.61 4.51 39.54
N THR F 26 -6.30 4.29 38.41
CA THR F 26 -6.80 5.38 37.58
C THR F 26 -8.30 5.20 37.41
N GLY F 27 -9.08 5.81 38.29
CA GLY F 27 -10.54 5.67 38.29
C GLY F 27 -10.86 4.24 38.65
N SER F 28 -11.45 3.53 37.71
CA SER F 28 -11.78 2.12 37.97
C SER F 28 -10.66 1.15 37.51
N ALA F 29 -9.64 1.67 36.85
CA ALA F 29 -8.51 0.87 36.39
C ALA F 29 -7.51 0.65 37.51
N HIS F 30 -7.26 -0.63 37.80
CA HIS F 30 -6.31 -1.07 38.83
C HIS F 30 -5.06 -1.68 38.19
N HIS F 31 -3.92 -0.99 38.38
CA HIS F 31 -2.67 -1.37 37.76
C HIS F 31 -1.82 -2.22 38.71
N PHE F 32 -1.46 -3.44 38.28
CA PHE F 32 -0.75 -4.42 39.09
C PHE F 32 0.61 -4.78 38.53
N LYS F 33 1.59 -4.93 39.44
CA LYS F 33 2.97 -5.34 39.14
C LYS F 33 3.30 -6.60 39.95
N HIS F 34 4.18 -7.43 39.38
CA HIS F 34 4.61 -8.65 40.02
C HIS F 34 6.10 -8.57 40.29
N PRO F 35 6.54 -8.96 41.50
CA PRO F 35 8.00 -8.94 41.77
C PRO F 35 8.81 -9.99 40.97
N LYS F 36 8.23 -11.12 40.56
CA LYS F 36 8.98 -12.18 39.86
C LYS F 36 8.54 -12.50 38.45
N LYS F 37 7.42 -11.94 37.94
CA LYS F 37 7.04 -12.07 36.52
C LYS F 37 7.05 -10.67 35.87
N PRO F 38 7.35 -10.53 34.55
CA PRO F 38 7.36 -9.20 33.93
C PRO F 38 6.01 -8.62 33.54
N GLY F 39 5.97 -7.29 33.41
CA GLY F 39 4.79 -6.60 32.81
C GLY F 39 3.78 -6.07 33.77
N LEU F 40 3.04 -5.08 33.29
CA LEU F 40 2.02 -4.42 34.08
C LEU F 40 0.68 -4.96 33.64
N VAL F 41 -0.18 -5.31 34.57
CA VAL F 41 -1.55 -5.81 34.26
C VAL F 41 -2.63 -4.84 34.76
N THR F 42 -3.42 -4.28 33.84
CA THR F 42 -4.51 -3.39 34.19
C THR F 42 -5.85 -4.14 34.26
N VAL F 43 -6.50 -4.11 35.43
CA VAL F 43 -7.74 -4.85 35.70
C VAL F 43 -8.85 -3.84 35.96
N PRO F 44 -9.98 -3.93 35.21
CA PRO F 44 -11.10 -3.06 35.50
C PRO F 44 -11.79 -3.52 36.79
N HIS F 45 -12.21 -2.57 37.61
CA HIS F 45 -12.87 -2.91 38.85
C HIS F 45 -14.30 -2.30 38.97
N PRO F 46 -15.28 -2.85 38.23
CA PRO F 46 -16.63 -2.32 38.42
C PRO F 46 -17.39 -2.88 39.62
N LYS F 47 -16.78 -3.87 40.28
CA LYS F 47 -17.38 -4.69 41.33
C LYS F 47 -18.61 -5.42 40.80
N LYS F 48 -18.48 -5.95 39.59
CA LYS F 48 -19.54 -6.68 38.89
C LYS F 48 -18.89 -7.76 38.08
N ASP F 49 -19.71 -8.57 37.44
CA ASP F 49 -19.19 -9.62 36.56
C ASP F 49 -18.68 -9.06 35.24
N LEU F 50 -17.45 -9.46 34.93
CA LEU F 50 -16.80 -9.14 33.69
C LEU F 50 -17.04 -10.30 32.75
N PRO F 51 -17.06 -10.03 31.42
CA PRO F 51 -17.22 -11.10 30.43
C PRO F 51 -16.04 -12.07 30.46
N ILE F 52 -16.33 -13.33 30.17
CA ILE F 52 -15.37 -14.42 30.20
C ILE F 52 -14.17 -14.11 29.29
N GLY F 53 -14.43 -13.49 28.16
CA GLY F 53 -13.40 -13.15 27.18
C GLY F 53 -12.36 -12.17 27.68
N THR F 54 -12.80 -11.13 28.39
CA THR F 54 -11.88 -10.19 28.97
C THR F 54 -11.20 -10.74 30.23
N VAL F 55 -11.93 -11.59 30.96
CA VAL F 55 -11.33 -12.35 32.06
C VAL F 55 -10.16 -13.23 31.62
N LYS F 56 -10.31 -13.98 30.55
CA LYS F 56 -9.25 -14.88 30.05
C LYS F 56 -8.01 -14.13 29.61
N SER F 57 -8.21 -12.99 28.95
CA SER F 57 -7.14 -12.10 28.57
C SER F 57 -6.35 -11.61 29.82
N ILE F 58 -7.07 -11.26 30.90
CA ILE F 58 -6.44 -10.83 32.15
C ILE F 58 -5.64 -11.96 32.78
N GLN F 59 -6.24 -13.13 32.87
CA GLN F 59 -5.52 -14.34 33.30
C GLN F 59 -4.25 -14.62 32.51
N LYS F 60 -4.31 -14.44 31.17
CA LYS F 60 -3.15 -14.70 30.35
C LYS F 60 -2.02 -13.71 30.65
N SER F 61 -2.35 -12.41 30.73
CA SER F 61 -1.39 -11.37 31.06
C SER F 61 -0.75 -11.60 32.44
N ALA F 62 -1.51 -12.19 33.34
CA ALA F 62 -1.05 -12.36 34.73
C ALA F 62 -0.33 -13.65 34.94
N GLY F 63 -0.28 -14.51 33.91
CA GLY F 63 0.22 -15.90 34.02
C GLY F 63 -0.52 -16.74 35.08
N LEU F 64 -1.84 -16.49 35.18
CA LEU F 64 -2.67 -17.25 36.10
C LEU F 64 -3.13 -18.57 35.53
N PHE G 5 -39.55 6.80 15.20
CA PHE G 5 -39.83 5.63 14.37
C PHE G 5 -38.89 4.44 14.69
N THR G 6 -38.63 4.19 15.97
CA THR G 6 -37.67 3.15 16.30
C THR G 6 -38.24 1.73 16.36
N ASN G 7 -39.53 1.62 16.66
CA ASN G 7 -40.25 0.36 16.53
C ASN G 7 -40.23 -0.16 15.06
N SER G 8 -39.81 -1.41 14.88
CA SER G 8 -39.68 -1.99 13.54
C SER G 8 -40.99 -1.98 12.76
N SER G 9 -42.11 -2.17 13.46
CA SER G 9 -43.47 -2.13 12.87
C SER G 9 -43.84 -0.75 12.40
N LYS G 10 -43.64 0.26 13.23
CA LYS G 10 -43.87 1.68 12.87
CA LYS G 10 -43.86 1.67 12.85
C LYS G 10 -42.98 2.09 11.67
N LEU G 11 -41.76 1.57 11.64
CA LEU G 11 -40.82 1.91 10.61
C LEU G 11 -41.23 1.32 9.25
N ILE G 12 -41.59 0.04 9.27
CA ILE G 12 -42.12 -0.65 8.10
C ILE G 12 -43.37 0.09 7.61
N ARG G 13 -44.24 0.51 8.52
CA ARG G 13 -45.44 1.26 8.14
C ARG G 13 -45.10 2.58 7.44
N MET G 14 -44.13 3.31 7.98
CA MET G 14 -43.65 4.55 7.38
C MET G 14 -43.08 4.31 5.95
N LEU G 15 -42.38 3.20 5.78
CA LEU G 15 -41.86 2.84 4.47
C LEU G 15 -43.03 2.54 3.49
N GLU G 16 -44.01 1.79 3.99
CA GLU G 16 -45.15 1.39 3.19
C GLU G 16 -46.00 2.59 2.73
N GLU G 17 -46.24 3.53 3.64
CA GLU G 17 -46.91 4.79 3.33
C GLU G 17 -46.13 5.66 2.33
N ASP G 18 -44.83 5.46 2.25
CA ASP G 18 -44.02 6.09 1.23
C ASP G 18 -44.03 5.34 -0.13
N GLY G 19 -44.71 4.19 -0.19
CA GLY G 19 -44.83 3.40 -1.42
C GLY G 19 -43.92 2.18 -1.53
N TRP G 20 -43.10 1.93 -0.52
CA TRP G 20 -42.23 0.75 -0.48
C TRP G 20 -43.10 -0.50 -0.26
N ARG G 21 -42.88 -1.55 -1.04
CA ARG G 21 -43.67 -2.77 -0.99
CA ARG G 21 -43.69 -2.78 -0.99
C ARG G 21 -42.81 -3.98 -0.62
N LEU G 22 -43.31 -4.82 0.27
CA LEU G 22 -42.59 -6.03 0.64
C LEU G 22 -42.56 -7.02 -0.54
N VAL G 23 -41.38 -7.41 -0.99
CA VAL G 23 -41.26 -8.42 -2.06
C VAL G 23 -40.70 -9.78 -1.65
N ARG G 24 -39.87 -9.86 -0.60
CA ARG G 24 -39.27 -11.13 -0.13
C ARG G 24 -38.98 -11.05 1.34
N VAL G 25 -38.95 -12.22 2.01
CA VAL G 25 -38.61 -12.30 3.45
C VAL G 25 -37.54 -13.38 3.68
N THR G 26 -36.49 -13.05 4.43
CA THR G 26 -35.46 -14.04 4.80
C THR G 26 -35.34 -14.08 6.31
N GLY G 27 -36.09 -14.99 6.95
CA GLY G 27 -36.16 -15.05 8.41
C GLY G 27 -36.81 -13.77 8.92
N SER G 28 -36.04 -12.98 9.65
CA SER G 28 -36.55 -11.72 10.17
C SER G 28 -36.28 -10.52 9.24
N ALA G 29 -35.51 -10.76 8.16
CA ALA G 29 -35.17 -9.71 7.19
C ALA G 29 -36.30 -9.55 6.20
N HIS G 30 -36.84 -8.31 6.13
CA HIS G 30 -37.91 -7.93 5.23
C HIS G 30 -37.39 -7.04 4.09
N HIS G 31 -37.43 -7.56 2.87
CA HIS G 31 -36.90 -6.88 1.70
C HIS G 31 -37.99 -6.09 0.95
N PHE G 32 -37.78 -4.79 0.79
CA PHE G 32 -38.71 -3.84 0.19
C PHE G 32 -38.21 -3.22 -1.12
N LYS G 33 -39.13 -3.08 -2.06
CA LYS G 33 -38.91 -2.44 -3.36
C LYS G 33 -39.89 -1.32 -3.58
N HIS G 34 -39.45 -0.31 -4.32
CA HIS G 34 -40.27 0.87 -4.62
C HIS G 34 -40.45 0.96 -6.13
N PRO G 35 -41.66 1.32 -6.59
CA PRO G 35 -41.84 1.49 -8.04
C PRO G 35 -41.05 2.67 -8.69
N LYS G 36 -40.75 3.73 -7.95
CA LYS G 36 -40.03 4.87 -8.54
C LYS G 36 -38.61 5.13 -7.97
N LYS G 37 -38.41 4.90 -6.68
CA LYS G 37 -37.14 5.17 -6.00
C LYS G 37 -36.16 4.01 -6.16
N PRO G 38 -34.83 4.27 -6.25
CA PRO G 38 -33.92 3.16 -6.55
C PRO G 38 -33.50 2.31 -5.33
N GLY G 39 -33.09 1.07 -5.59
CA GLY G 39 -32.58 0.16 -4.59
C GLY G 39 -33.57 -0.76 -3.87
N LEU G 40 -33.04 -1.85 -3.33
CA LEU G 40 -33.73 -2.71 -2.42
C LEU G 40 -33.37 -2.32 -0.98
N VAL G 41 -34.38 -2.24 -0.11
CA VAL G 41 -34.18 -1.87 1.29
C VAL G 41 -34.53 -3.02 2.23
N THR G 42 -33.55 -3.51 2.98
CA THR G 42 -33.75 -4.60 3.93
C THR G 42 -33.97 -4.04 5.35
N VAL G 43 -35.12 -4.38 5.94
CA VAL G 43 -35.52 -3.90 7.26
C VAL G 43 -35.60 -5.08 8.21
N PRO G 44 -34.87 -5.02 9.36
CA PRO G 44 -35.00 -6.12 10.33
C PRO G 44 -36.35 -5.99 11.04
N HIS G 45 -37.02 -7.11 11.29
CA HIS G 45 -38.33 -7.02 11.92
C HIS G 45 -38.42 -7.81 13.24
N PRO G 46 -37.81 -7.30 14.33
CA PRO G 46 -37.96 -8.05 15.59
C PRO G 46 -39.24 -7.76 16.35
N LYS G 47 -40.03 -6.79 15.85
CA LYS G 47 -41.18 -6.21 16.51
C LYS G 47 -40.78 -5.60 17.85
N LYS G 48 -39.67 -4.88 17.84
CA LYS G 48 -39.11 -4.22 19.02
C LYS G 48 -38.46 -2.95 18.54
N ASP G 49 -37.95 -2.16 19.48
CA ASP G 49 -37.24 -0.95 19.12
C ASP G 49 -35.84 -1.26 18.58
N LEU G 50 -35.57 -0.65 17.44
CA LEU G 50 -34.27 -0.64 16.81
C LEU G 50 -33.55 0.62 17.29
N PRO G 51 -32.21 0.59 17.34
CA PRO G 51 -31.44 1.79 17.68
C PRO G 51 -31.59 2.87 16.64
N ILE G 52 -31.53 4.13 17.11
CA ILE G 52 -31.72 5.30 16.27
C ILE G 52 -30.76 5.31 15.07
N GLY G 53 -29.54 4.85 15.30
CA GLY G 53 -28.49 4.83 14.26
C GLY G 53 -28.81 3.93 13.10
N THR G 54 -29.34 2.74 13.39
CA THR G 54 -29.74 1.85 12.31
C THR G 54 -31.06 2.27 11.66
N VAL G 55 -31.93 2.88 12.45
CA VAL G 55 -33.13 3.51 11.90
C VAL G 55 -32.82 4.61 10.86
N LYS G 56 -31.87 5.50 11.17
CA LYS G 56 -31.52 6.60 10.27
C LYS G 56 -30.95 6.09 8.93
N SER G 57 -30.10 5.07 9.02
CA SER G 57 -29.58 4.40 7.85
C SER G 57 -30.70 3.81 6.97
N ILE G 58 -31.72 3.20 7.59
CA ILE G 58 -32.85 2.63 6.86
C ILE G 58 -33.65 3.75 6.15
N GLN G 59 -33.95 4.81 6.89
CA GLN G 59 -34.58 5.99 6.29
C GLN G 59 -33.79 6.56 5.10
N LYS G 60 -32.47 6.60 5.21
CA LYS G 60 -31.64 7.13 4.14
C LYS G 60 -31.72 6.26 2.89
N SER G 61 -31.60 4.94 3.05
CA SER G 61 -31.75 3.97 1.95
C SER G 61 -33.12 4.11 1.27
N ALA G 62 -34.14 4.48 2.03
CA ALA G 62 -35.51 4.57 1.53
C ALA G 62 -35.86 5.92 0.93
N GLY G 63 -34.88 6.83 0.94
CA GLY G 63 -35.00 8.18 0.40
C GLY G 63 -35.88 9.02 1.28
N LEU G 64 -35.81 8.82 2.59
CA LEU G 64 -36.58 9.58 3.58
C LEU G 64 -35.68 10.33 4.56
N PHE H 5 30.09 25.50 -30.73
CA PHE H 5 28.78 25.13 -31.36
C PHE H 5 28.01 24.14 -30.47
N THR H 6 27.84 24.53 -29.19
CA THR H 6 27.17 23.66 -28.21
C THR H 6 25.86 24.33 -27.68
N ASN H 7 24.77 23.54 -27.62
CA ASN H 7 23.54 24.09 -27.14
C ASN H 7 23.56 24.51 -25.66
N SER H 8 24.36 23.89 -24.80
CA SER H 8 24.47 24.33 -23.39
CA SER H 8 24.56 24.31 -23.39
C SER H 8 24.90 25.81 -23.27
N SER H 9 25.76 26.26 -24.19
CA SER H 9 26.28 27.62 -24.23
C SER H 9 25.19 28.60 -24.61
N LYS H 10 24.45 28.28 -25.69
CA LYS H 10 23.30 29.07 -26.13
C LYS H 10 22.22 29.16 -25.07
N LEU H 11 22.02 28.07 -24.33
CA LEU H 11 20.97 28.00 -23.31
C LEU H 11 21.35 28.89 -22.11
N ILE H 12 22.61 28.81 -21.65
CA ILE H 12 23.09 29.65 -20.60
C ILE H 12 22.97 31.13 -21.02
N ARG H 13 23.32 31.43 -22.28
CA ARG H 13 23.17 32.79 -22.78
C ARG H 13 21.72 33.30 -22.73
N MET H 14 20.80 32.44 -23.18
CA MET H 14 19.38 32.74 -23.16
CA MET H 14 19.33 32.68 -23.16
C MET H 14 18.89 32.98 -21.73
N LEU H 15 19.38 32.20 -20.77
CA LEU H 15 19.02 32.40 -19.39
C LEU H 15 19.53 33.72 -18.87
N GLU H 16 20.78 34.07 -19.24
CA GLU H 16 21.40 35.29 -18.78
C GLU H 16 20.68 36.54 -19.31
N GLU H 17 20.32 36.51 -20.59
CA GLU H 17 19.52 37.56 -21.20
C GLU H 17 18.11 37.69 -20.62
N ASP H 18 17.61 36.62 -20.02
CA ASP H 18 16.35 36.66 -19.28
C ASP H 18 16.52 37.17 -17.84
N GLY H 19 17.75 37.45 -17.41
CA GLY H 19 18.01 37.94 -16.05
C GLY H 19 18.52 36.94 -15.02
N TRP H 20 18.67 35.67 -15.43
CA TRP H 20 19.20 34.63 -14.57
C TRP H 20 20.70 34.88 -14.36
N ARG H 21 21.17 34.81 -13.11
CA ARG H 21 22.54 35.10 -12.76
CA ARG H 21 22.56 35.08 -12.79
C ARG H 21 23.22 33.87 -12.14
N LEU H 22 24.43 33.56 -12.57
CA LEU H 22 25.17 32.49 -11.98
C LEU H 22 25.57 32.82 -10.53
N VAL H 23 25.14 32.02 -9.55
CA VAL H 23 25.46 32.25 -8.14
C VAL H 23 26.42 31.24 -7.49
N ARG H 24 26.47 29.99 -7.98
CA ARG H 24 27.45 29.00 -7.53
CA ARG H 24 27.48 29.02 -7.53
C ARG H 24 27.75 28.02 -8.67
N VAL H 25 28.90 27.37 -8.58
CA VAL H 25 29.33 26.31 -9.51
C VAL H 25 29.78 25.06 -8.72
N THR H 26 29.29 23.89 -9.08
CA THR H 26 29.71 22.62 -8.47
C THR H 26 30.20 21.70 -9.57
N GLY H 27 31.51 21.74 -9.84
CA GLY H 27 32.12 21.00 -10.94
C GLY H 27 31.56 21.51 -12.25
N SER H 28 30.80 20.67 -12.95
CA SER H 28 30.21 21.08 -14.20
C SER H 28 28.80 21.71 -14.04
N ALA H 29 28.23 21.61 -12.82
CA ALA H 29 26.92 22.13 -12.52
C ALA H 29 26.98 23.64 -12.26
N HIS H 30 26.20 24.38 -13.03
CA HIS H 30 26.07 25.82 -12.93
C HIS H 30 24.70 26.21 -12.36
N HIS H 31 24.70 26.79 -11.16
CA HIS H 31 23.50 27.13 -10.43
C HIS H 31 23.12 28.59 -10.64
N PHE H 32 21.91 28.84 -11.14
CA PHE H 32 21.40 30.15 -11.49
C PHE H 32 20.21 30.59 -10.63
N LYS H 33 20.23 31.88 -10.27
CA LYS H 33 19.16 32.54 -9.52
C LYS H 33 18.64 33.74 -10.27
N HIS H 34 17.35 34.01 -10.09
CA HIS H 34 16.69 35.14 -10.73
C HIS H 34 16.20 36.10 -9.65
N PRO H 35 16.33 37.42 -9.88
CA PRO H 35 15.79 38.36 -8.90
C PRO H 35 14.24 38.39 -8.77
N LYS H 36 13.49 38.04 -9.82
CA LYS H 36 12.01 38.05 -9.74
C LYS H 36 11.33 36.66 -9.86
N LYS H 37 11.89 35.78 -10.67
CA LYS H 37 11.29 34.47 -10.92
C LYS H 37 11.67 33.45 -9.83
N PRO H 38 10.77 32.50 -9.48
CA PRO H 38 11.10 31.61 -8.36
C PRO H 38 11.98 30.39 -8.77
N GLY H 39 12.69 29.85 -7.77
CA GLY H 39 13.52 28.67 -7.93
C GLY H 39 14.97 28.87 -8.27
N LEU H 40 15.80 27.88 -7.91
CA LEU H 40 17.16 27.78 -8.40
C LEU H 40 17.18 26.84 -9.61
N VAL H 41 17.90 27.23 -10.66
CA VAL H 41 18.00 26.42 -11.89
C VAL H 41 19.44 25.90 -12.12
N THR H 42 19.60 24.58 -12.09
CA THR H 42 20.92 23.98 -12.30
C THR H 42 21.06 23.54 -13.77
N VAL H 43 22.10 24.05 -14.44
CA VAL H 43 22.40 23.74 -15.83
C VAL H 43 23.71 22.97 -15.89
N PRO H 44 23.69 21.77 -16.52
CA PRO H 44 25.00 21.04 -16.65
C PRO H 44 25.78 21.74 -17.79
N HIS H 45 27.09 21.86 -17.67
CA HIS H 45 27.80 22.68 -18.63
C HIS H 45 28.66 21.99 -19.66
N PRO H 46 29.77 21.35 -19.24
CA PRO H 46 30.80 21.09 -20.21
C PRO H 46 30.28 21.04 -21.59
N LYS H 47 30.60 22.17 -22.18
CA LYS H 47 30.26 22.59 -23.57
C LYS H 47 30.11 21.44 -24.59
N LYS H 48 28.90 20.91 -24.59
CA LYS H 48 28.49 19.93 -25.57
C LYS H 48 27.00 20.00 -25.73
N ASP H 49 26.50 19.30 -26.71
CA ASP H 49 25.06 19.31 -26.93
C ASP H 49 24.35 18.42 -25.93
N LEU H 50 23.34 19.00 -25.31
CA LEU H 50 22.43 18.35 -24.42
C LEU H 50 21.23 17.86 -25.23
N PRO H 51 20.61 16.76 -24.78
CA PRO H 51 19.38 16.27 -25.43
C PRO H 51 18.24 17.25 -25.30
N ILE H 52 17.38 17.27 -26.32
CA ILE H 52 16.24 18.17 -26.38
C ILE H 52 15.35 18.07 -25.13
N GLY H 53 15.20 16.85 -24.62
CA GLY H 53 14.35 16.58 -23.45
C GLY H 53 14.83 17.24 -22.17
N THR H 54 16.15 17.22 -21.94
CA THR H 54 16.70 17.89 -20.79
C THR H 54 16.76 19.40 -20.98
N VAL H 55 16.96 19.82 -22.24
CA VAL H 55 16.85 21.25 -22.57
C VAL H 55 15.48 21.85 -22.28
N LYS H 56 14.40 21.15 -22.67
CA LYS H 56 13.04 21.64 -22.45
C LYS H 56 12.70 21.77 -20.96
N SER H 57 13.13 20.79 -20.17
CA SER H 57 13.01 20.83 -18.73
C SER H 57 13.72 22.07 -18.13
N ILE H 58 14.92 22.38 -18.62
CA ILE H 58 15.67 23.56 -18.16
C ILE H 58 14.92 24.86 -18.50
N GLN H 59 14.47 24.96 -19.75
CA GLN H 59 13.62 26.06 -20.17
C GLN H 59 12.37 26.25 -19.28
N LYS H 60 11.73 25.13 -18.93
CA LYS H 60 10.53 25.20 -18.12
C LYS H 60 10.83 25.72 -16.71
N SER H 61 11.88 25.21 -16.08
CA SER H 61 12.34 25.67 -14.77
C SER H 61 12.67 27.15 -14.78
N ALA H 62 13.15 27.66 -15.91
CA ALA H 62 13.60 29.07 -16.00
C ALA H 62 12.48 30.03 -16.39
N GLY H 63 11.28 29.46 -16.58
CA GLY H 63 10.08 30.21 -16.97
C GLY H 63 10.20 30.70 -18.40
N LEU H 64 10.75 29.85 -19.25
CA LEU H 64 10.87 30.13 -20.70
C LEU H 64 10.12 29.09 -21.54
#